data_4C0S
#
_entry.id   4C0S
#
_cell.length_a   135.370
_cell.length_b   135.370
_cell.length_c   304.620
_cell.angle_alpha   90.00
_cell.angle_beta   90.00
_cell.angle_gamma   120.00
#
_symmetry.space_group_name_H-M   'P 61 2 2'
#
loop_
_entity.id
_entity.type
_entity.pdbx_description
1 polymer 'ELONGATION FACTOR 1-ALPHA 2'
2 non-polymer "GUANOSINE-5'-DIPHOSPHATE"
3 non-polymer 'MAGNESIUM ION'
4 water water
#
_entity_poly.entity_id   1
_entity_poly.type   'polypeptide(L)'
_entity_poly.pdbx_seq_one_letter_code
;MGKEKTHINIVVIGHVDSGKSTTTGHLIYKCGGIDKRTIEKFEKEAAEMGKGSFKYAWVLDKLKAERERGITIDISLWKF
ETTKYYITIIDAPGHRDFIKNMITGTSQADCAVLIVAAGVGEFEAGISKNGQTREHALLAYTLGVKQLIVGVNKMDSTEP
AY(SEP)EKRYDEIVKEVSAYIKKIGYNPATVPFVPISGWHGDNMLEPSPNMPWFKGWKVERKEGNASGVSLLEALDTIL
PP(TPO)RPTDKPLRLPLQDVYKIGGIGTVPVGRVETGILRPGMVVTFAPVNITTEVKSVEMHHEALSEALPGDNVGFNV
KNVSVKDIRRGNVCGDSKSDPPQEAAQFTSQVIILNHPGQISAGYSPVIDCHTAHIACKFAELKEKIDRRSGKKLEDNPK
SLKSGDAAIVEMVPGKPMCVESFSQYPPLGRFAVRDMRQTVAVGVIKNVEKKSGGAGKVTKSAQKAQKAGK
;
_entity_poly.pdbx_strand_id   A,B
#
# COMPACT_ATOMS: atom_id res chain seq x y z
N GLU A 4 7.89 -15.88 18.08
CA GLU A 4 6.79 -14.87 18.18
C GLU A 4 7.30 -13.48 18.62
N LYS A 5 8.45 -13.09 18.05
CA LYS A 5 8.99 -11.74 18.20
C LYS A 5 8.27 -10.76 17.30
N THR A 6 7.94 -9.59 17.82
CA THR A 6 7.20 -8.61 17.05
C THR A 6 8.11 -8.01 15.97
N HIS A 7 7.49 -7.51 14.90
CA HIS A 7 8.20 -6.93 13.71
C HIS A 7 8.42 -5.46 13.85
N ILE A 8 9.52 -4.98 13.32
CA ILE A 8 9.93 -3.63 13.60
C ILE A 8 10.64 -3.06 12.37
N ASN A 9 10.14 -1.91 11.92
CA ASN A 9 10.70 -1.20 10.77
C ASN A 9 11.61 -0.08 11.20
N ILE A 10 12.80 -0.06 10.64
CA ILE A 10 13.81 0.98 10.94
C ILE A 10 13.99 1.84 9.69
N VAL A 11 14.05 3.14 9.84
CA VAL A 11 14.58 3.93 8.74
C VAL A 11 15.90 4.55 9.18
N VAL A 12 16.86 4.69 8.27
CA VAL A 12 18.21 5.24 8.60
C VAL A 12 18.37 6.67 8.04
N ILE A 13 18.59 7.64 8.90
CA ILE A 13 18.81 8.99 8.42
C ILE A 13 20.17 9.51 8.76
N GLY A 14 20.48 10.71 8.28
CA GLY A 14 21.76 11.35 8.55
C GLY A 14 22.24 12.13 7.35
N HIS A 15 23.01 13.18 7.63
CA HIS A 15 23.67 13.97 6.61
C HIS A 15 24.24 13.13 5.48
N VAL A 16 24.17 13.64 4.26
CA VAL A 16 24.81 13.00 3.13
C VAL A 16 26.21 12.66 3.55
N ASP A 17 26.58 11.42 3.35
CA ASP A 17 27.95 10.95 3.63
C ASP A 17 28.32 10.68 5.11
N SER A 18 27.34 10.72 6.02
CA SER A 18 27.62 10.36 7.39
C SER A 18 28.00 8.91 7.52
N GLY A 19 27.49 8.08 6.63
CA GLY A 19 27.89 6.65 6.61
C GLY A 19 26.66 5.74 6.66
N LYS A 20 25.52 6.23 6.17
CA LYS A 20 24.29 5.51 6.29
C LYS A 20 24.39 4.24 5.48
N SER A 21 24.99 4.33 4.33
CA SER A 21 25.16 3.19 3.48
C SER A 21 26.03 2.14 4.15
N THR A 22 27.23 2.55 4.55
CA THR A 22 28.23 1.64 5.07
C THR A 22 27.75 0.94 6.34
N THR A 23 27.13 1.69 7.23
CA THR A 23 26.62 1.15 8.42
C THR A 23 25.48 0.15 8.22
N THR A 24 24.56 0.45 7.34
CA THR A 24 23.44 -0.43 7.13
C THR A 24 23.93 -1.69 6.44
N GLY A 25 24.87 -1.53 5.52
CA GLY A 25 25.44 -2.65 4.82
C GLY A 25 26.10 -3.59 5.80
N HIS A 26 26.92 -3.01 6.66
CA HIS A 26 27.70 -3.76 7.60
C HIS A 26 26.81 -4.47 8.55
N LEU A 27 25.76 -3.81 8.97
CA LEU A 27 24.87 -4.41 9.95
C LEU A 27 24.26 -5.63 9.29
N ILE A 28 23.90 -5.48 8.03
CA ILE A 28 23.18 -6.51 7.34
C ILE A 28 24.09 -7.75 7.14
N TYR A 29 25.33 -7.47 6.79
CA TYR A 29 26.30 -8.49 6.51
C TYR A 29 26.55 -9.36 7.75
N LYS A 30 26.44 -8.74 8.89
CA LYS A 30 26.96 -9.32 10.10
C LYS A 30 25.84 -9.92 10.91
N CYS A 31 24.62 -9.73 10.45
CA CYS A 31 23.52 -10.32 11.16
C CYS A 31 23.04 -11.59 10.49
N GLY A 32 23.68 -11.94 9.36
CA GLY A 32 23.54 -13.25 8.76
C GLY A 32 22.21 -13.50 8.11
N GLY A 33 21.41 -12.43 7.92
CA GLY A 33 20.15 -12.52 7.16
C GLY A 33 20.35 -12.86 5.69
N ILE A 34 21.57 -12.66 5.17
CA ILE A 34 21.88 -12.99 3.76
C ILE A 34 23.11 -13.86 3.80
N ASP A 35 23.15 -14.87 2.94
CA ASP A 35 24.25 -15.83 2.92
C ASP A 35 25.39 -15.33 2.04
N LYS A 36 26.58 -15.89 2.25
CA LYS A 36 27.80 -15.41 1.61
C LYS A 36 27.75 -15.40 0.09
N ARG A 37 27.13 -16.40 -0.55
CA ARG A 37 27.10 -16.38 -2.05
C ARG A 37 26.20 -15.27 -2.60
N THR A 38 25.10 -15.01 -1.90
CA THR A 38 24.18 -14.00 -2.39
C THR A 38 24.88 -12.67 -2.27
N ILE A 39 25.44 -12.41 -1.09
CA ILE A 39 26.25 -11.25 -0.91
C ILE A 39 27.23 -11.09 -2.07
N GLU A 40 27.93 -12.17 -2.38
CA GLU A 40 28.94 -12.09 -3.40
C GLU A 40 28.32 -11.65 -4.70
N LYS A 41 27.16 -12.27 -5.07
CA LYS A 41 26.46 -11.96 -6.36
C LYS A 41 26.14 -10.45 -6.46
N PHE A 42 25.60 -9.87 -5.38
CA PHE A 42 25.28 -8.47 -5.39
C PHE A 42 26.48 -7.60 -5.23
N GLU A 43 27.56 -8.12 -4.63
CA GLU A 43 28.84 -7.42 -4.67
C GLU A 43 29.44 -7.42 -6.06
N LYS A 44 29.45 -8.57 -6.71
CA LYS A 44 29.92 -8.62 -8.09
C LYS A 44 29.07 -7.66 -8.94
N GLU A 45 27.74 -7.69 -8.74
CA GLU A 45 26.82 -6.96 -9.63
C GLU A 45 27.01 -5.44 -9.53
N ALA A 46 27.20 -4.96 -8.31
CA ALA A 46 27.41 -3.54 -8.05
C ALA A 46 28.70 -3.03 -8.68
N ALA A 47 29.63 -3.94 -8.89
CA ALA A 47 30.92 -3.62 -9.45
C ALA A 47 30.90 -3.33 -10.97
N GLU A 48 29.71 -3.12 -11.55
CA GLU A 48 29.61 -2.64 -12.95
C GLU A 48 28.97 -1.27 -13.00
N MET A 49 27.92 -1.11 -12.23
CA MET A 49 27.16 0.12 -12.23
C MET A 49 27.80 1.23 -11.36
N LYS A 51 34.75 1.29 -11.33
CA LYS A 51 34.98 2.48 -10.50
C LYS A 51 35.58 2.08 -9.14
N GLY A 52 36.84 1.64 -9.16
CA GLY A 52 37.55 1.24 -7.94
C GLY A 52 36.86 0.06 -7.31
N SER A 53 36.26 0.32 -6.14
CA SER A 53 35.20 -0.52 -5.51
C SER A 53 34.31 0.33 -4.56
N PHE A 54 33.31 -0.30 -3.91
CA PHE A 54 32.36 0.44 -3.04
C PHE A 54 31.71 -0.42 -1.90
N LYS A 55 32.47 -0.69 -0.82
CA LYS A 55 32.16 -1.82 0.14
C LYS A 55 30.94 -1.59 1.08
N TYR A 56 30.11 -2.63 1.25
CA TYR A 56 28.89 -2.59 2.11
C TYR A 56 27.78 -1.76 1.54
N ALA A 57 28.11 -0.94 0.56
CA ALA A 57 27.25 0.17 0.16
C ALA A 57 26.02 -0.33 -0.61
N TRP A 58 26.25 -1.31 -1.50
CA TRP A 58 25.19 -1.81 -2.37
C TRP A 58 23.95 -2.19 -1.65
N VAL A 59 24.07 -2.51 -0.36
CA VAL A 59 22.90 -2.88 0.42
C VAL A 59 21.84 -1.78 0.51
N LEU A 60 22.22 -0.56 0.87
CA LEU A 60 21.28 0.57 0.87
C LEU A 60 20.94 0.99 -0.57
N ASP A 61 21.94 1.40 -1.36
CA ASP A 61 21.75 1.63 -2.80
C ASP A 61 20.58 0.81 -3.40
N LYS A 62 20.66 -0.52 -3.26
CA LYS A 62 19.65 -1.44 -3.74
C LYS A 62 18.31 -1.16 -3.07
N LEU A 63 18.23 -1.38 -1.76
CA LEU A 63 17.04 -0.97 -1.00
C LEU A 63 16.39 0.37 -1.44
N LYS A 64 17.18 1.41 -1.60
CA LYS A 64 16.65 2.72 -1.96
C LYS A 64 16.02 2.60 -3.31
N ALA A 65 16.73 1.94 -4.21
CA ALA A 65 16.30 1.77 -5.60
C ALA A 65 14.96 1.06 -5.70
N GLU A 66 14.74 0.09 -4.82
CA GLU A 66 13.60 -0.81 -4.90
C GLU A 66 12.45 -0.27 -4.07
N ARG A 67 12.62 0.98 -3.65
CA ARG A 67 11.59 1.74 -2.97
C ARG A 67 11.18 2.95 -3.81
N GLU A 68 11.21 2.75 -5.13
CA GLU A 68 10.73 3.72 -6.12
C GLU A 68 9.44 3.27 -6.89
N ARG A 69 8.55 4.23 -7.13
CA ARG A 69 7.43 4.06 -8.06
C ARG A 69 6.37 3.02 -7.63
N GLY A 70 6.36 2.64 -6.35
CA GLY A 70 5.21 1.94 -5.73
C GLY A 70 5.06 0.41 -5.95
N ILE A 71 6.15 -0.27 -6.32
CA ILE A 71 6.17 -1.73 -6.19
C ILE A 71 7.31 -2.15 -5.34
N THR A 72 6.99 -2.91 -4.31
CA THR A 72 7.98 -3.70 -3.66
C THR A 72 7.80 -5.15 -4.06
N ILE A 73 8.85 -5.77 -4.55
CA ILE A 73 8.72 -7.14 -5.00
C ILE A 73 9.09 -8.11 -3.88
N ASP A 74 10.28 -7.96 -3.31
CA ASP A 74 10.70 -8.76 -2.20
C ASP A 74 11.53 -7.90 -1.29
N ILE A 75 11.38 -8.07 0.01
CA ILE A 75 12.28 -7.35 0.89
C ILE A 75 13.03 -8.22 1.90
N SER A 76 13.12 -9.52 1.60
CA SER A 76 13.77 -10.45 2.49
C SER A 76 15.24 -10.03 2.76
N LEU A 77 15.90 -9.41 1.79
CA LEU A 77 17.31 -9.01 1.98
C LEU A 77 17.58 -8.14 3.21
N TRP A 78 16.58 -7.40 3.68
CA TRP A 78 16.82 -6.33 4.68
C TRP A 78 16.18 -6.60 5.97
N LYS A 79 15.74 -7.83 6.16
CA LYS A 79 15.22 -8.26 7.43
C LYS A 79 16.41 -8.94 8.08
N PHE A 80 16.46 -8.85 9.41
CA PHE A 80 17.47 -9.53 10.21
C PHE A 80 16.95 -9.67 11.61
N GLU A 81 17.56 -10.57 12.38
CA GLU A 81 17.03 -10.97 13.68
C GLU A 81 17.88 -10.41 14.81
N THR A 82 17.24 -10.10 15.91
CA THR A 82 17.94 -9.67 17.07
C THR A 82 17.39 -10.54 18.21
N THR A 83 18.07 -10.57 19.33
CA THR A 83 17.52 -11.33 20.44
C THR A 83 15.99 -11.06 20.53
N LYS A 84 15.62 -9.79 20.63
CA LYS A 84 14.25 -9.40 20.95
C LYS A 84 13.33 -9.14 19.75
N TYR A 85 13.85 -9.13 18.50
CA TYR A 85 13.05 -8.59 17.35
C TYR A 85 13.43 -9.10 16.00
N TYR A 86 12.47 -8.98 15.10
CA TYR A 86 12.76 -8.99 13.69
C TYR A 86 12.74 -7.53 13.15
N ILE A 87 13.88 -7.08 12.64
CA ILE A 87 14.05 -5.71 12.19
C ILE A 87 14.18 -5.66 10.68
N THR A 88 13.36 -4.82 10.03
CA THR A 88 13.57 -4.44 8.61
C THR A 88 14.00 -3.00 8.42
N ILE A 89 15.05 -2.85 7.63
CA ILE A 89 15.44 -1.57 7.03
C ILE A 89 14.47 -1.23 5.90
N ILE A 90 13.71 -0.16 6.11
CA ILE A 90 12.56 0.14 5.29
C ILE A 90 12.88 1.22 4.20
N ASP A 91 13.71 2.20 4.52
CA ASP A 91 13.99 3.29 3.63
C ASP A 91 15.14 4.14 4.15
N ALA A 92 15.64 5.04 3.30
CA ALA A 92 16.73 5.96 3.65
C ALA A 92 16.72 7.15 2.65
N PRO A 93 17.23 8.33 3.07
CA PRO A 93 17.23 9.49 2.18
C PRO A 93 18.16 9.30 1.00
N GLY A 94 18.01 10.14 -0.04
CA GLY A 94 18.89 10.07 -1.21
C GLY A 94 18.26 9.42 -2.44
N HIS A 95 16.95 9.45 -2.53
CA HIS A 95 16.27 8.92 -3.72
C HIS A 95 14.94 9.60 -3.97
N ARG A 96 14.53 9.69 -5.26
CA ARG A 96 13.30 10.40 -5.71
C ARG A 96 12.12 10.33 -4.68
N ASP A 97 11.72 9.10 -4.34
CA ASP A 97 10.51 8.89 -3.59
C ASP A 97 10.73 8.90 -2.08
N PHE A 98 11.92 9.31 -1.61
CA PHE A 98 12.13 9.28 -0.19
C PHE A 98 11.06 10.00 0.60
N ILE A 99 11.04 11.33 0.51
CA ILE A 99 10.04 12.14 1.22
C ILE A 99 8.58 11.69 0.95
N LYS A 100 8.26 11.38 -0.32
CA LYS A 100 6.92 10.87 -0.62
C LYS A 100 6.61 9.59 0.16
N ASN A 101 7.50 8.59 0.05
CA ASN A 101 7.38 7.34 0.79
C ASN A 101 7.06 7.61 2.24
N MET A 102 7.82 8.55 2.82
CA MET A 102 7.64 8.89 4.21
C MET A 102 6.33 9.57 4.50
N ILE A 103 6.00 10.60 3.73
CA ILE A 103 4.73 11.31 3.94
C ILE A 103 3.50 10.38 3.74
N THR A 104 3.48 9.66 2.63
CA THR A 104 2.39 8.76 2.36
C THR A 104 2.37 7.64 3.36
N GLY A 105 3.52 7.40 4.00
CA GLY A 105 3.65 6.28 4.93
C GLY A 105 3.64 4.89 4.30
N THR A 106 3.98 4.76 3.01
CA THR A 106 4.29 3.40 2.45
C THR A 106 5.52 2.82 3.14
N SER A 107 6.56 3.64 3.25
CA SER A 107 7.60 3.46 4.21
C SER A 107 7.15 4.07 5.54
N GLN A 108 6.73 3.24 6.50
CA GLN A 108 6.53 3.71 7.90
C GLN A 108 7.55 3.09 8.86
N ALA A 109 8.12 3.91 9.74
CA ALA A 109 9.20 3.41 10.62
C ALA A 109 8.82 3.39 12.06
N ASP A 110 9.28 2.36 12.75
CA ASP A 110 9.06 2.23 14.17
C ASP A 110 10.12 2.99 14.89
N CYS A 111 11.30 3.06 14.30
CA CYS A 111 12.37 3.81 14.89
C CYS A 111 13.29 4.36 13.80
N ALA A 112 14.02 5.41 14.13
CA ALA A 112 14.93 6.01 13.20
C ALA A 112 16.33 5.88 13.74
N VAL A 113 17.22 5.32 12.93
CA VAL A 113 18.59 5.37 13.31
C VAL A 113 19.17 6.58 12.64
N LEU A 114 19.63 7.50 13.46
CA LEU A 114 20.27 8.67 12.96
C LEU A 114 21.78 8.52 13.00
N ILE A 115 22.41 8.42 11.83
CA ILE A 115 23.83 8.41 11.77
C ILE A 115 24.36 9.83 11.73
N VAL A 116 25.53 10.04 12.35
CA VAL A 116 26.11 11.35 12.65
C VAL A 116 27.59 11.12 12.62
N ALA A 117 28.31 11.64 11.61
CA ALA A 117 29.77 11.40 11.47
C ALA A 117 30.56 12.14 12.50
N ALA A 118 31.80 11.75 12.75
CA ALA A 118 32.51 12.27 13.91
C ALA A 118 33.92 12.70 13.58
N GLY A 119 34.33 12.52 12.31
CA GLY A 119 35.60 13.14 11.83
C GLY A 119 35.58 14.67 12.03
N VAL A 120 36.75 15.28 11.96
CA VAL A 120 36.80 16.74 12.05
C VAL A 120 35.91 17.38 10.96
N GLY A 121 35.05 18.28 11.39
CA GLY A 121 34.30 19.05 10.46
C GLY A 121 33.10 18.36 9.90
N GLU A 122 33.22 17.08 9.64
CA GLU A 122 32.04 16.30 9.18
C GLU A 122 30.82 16.60 10.07
N PHE A 123 31.01 16.49 11.39
CA PHE A 123 29.89 16.60 12.32
C PHE A 123 29.30 18.02 12.22
N GLU A 124 30.20 18.99 12.24
CA GLU A 124 29.81 20.39 12.25
C GLU A 124 29.06 20.79 10.96
N ALA A 125 29.53 20.31 9.81
CA ALA A 125 28.74 20.47 8.60
C ALA A 125 27.34 19.90 8.79
N GLY A 126 27.26 18.68 9.30
CA GLY A 126 25.98 18.01 9.36
C GLY A 126 25.01 18.73 10.25
N ILE A 127 25.52 19.39 11.27
CA ILE A 127 24.68 19.89 12.36
C ILE A 127 24.44 21.42 12.25
N SER A 128 25.12 22.06 11.29
CA SER A 128 24.84 23.45 10.94
C SER A 128 23.42 23.62 10.40
N LYS A 129 23.02 24.87 10.17
CA LYS A 129 21.75 25.17 9.48
C LYS A 129 21.84 24.87 7.96
N ASN A 130 23.04 24.51 7.49
CA ASN A 130 23.24 23.94 6.13
C ASN A 130 23.33 22.39 6.03
N GLY A 131 22.77 21.72 7.05
CA GLY A 131 23.08 20.32 7.29
C GLY A 131 21.85 19.52 7.62
N GLN A 132 21.86 18.27 7.16
CA GLN A 132 20.65 17.46 7.25
C GLN A 132 20.45 16.76 8.59
N THR A 133 21.49 16.68 9.41
CA THR A 133 21.32 16.05 10.69
C THR A 133 20.09 16.57 11.39
N ARG A 134 19.95 17.89 11.50
CA ARG A 134 18.80 18.47 12.23
C ARG A 134 17.51 18.25 11.48
N GLU A 135 17.59 18.34 10.15
CA GLU A 135 16.40 18.25 9.35
C GLU A 135 15.79 16.84 9.39
N HIS A 136 16.66 15.82 9.29
CA HIS A 136 16.24 14.42 9.40
C HIS A 136 15.65 14.13 10.73
N ALA A 137 16.29 14.59 11.79
CA ALA A 137 15.74 14.47 13.13
C ALA A 137 14.35 15.12 13.19
N LEU A 138 14.24 16.33 12.61
CA LEU A 138 12.99 17.08 12.61
C LEU A 138 11.98 16.36 11.76
N LEU A 139 12.41 15.88 10.61
CA LEU A 139 11.54 15.10 9.77
C LEU A 139 10.95 13.91 10.53
N ALA A 140 11.82 13.16 11.21
CA ALA A 140 11.41 12.02 12.05
C ALA A 140 10.36 12.44 13.03
N TYR A 141 10.63 13.51 13.78
CA TYR A 141 9.70 13.91 14.84
C TYR A 141 8.34 14.27 14.29
N THR A 142 8.35 14.87 13.11
CA THR A 142 7.13 15.28 12.46
C THR A 142 6.27 14.07 12.22
N LEU A 143 6.90 12.97 11.80
CA LEU A 143 6.20 11.73 11.41
C LEU A 143 5.91 10.83 12.59
N GLY A 144 6.14 11.33 13.80
CA GLY A 144 5.78 10.56 15.00
C GLY A 144 6.69 9.39 15.33
N VAL A 145 7.69 9.13 14.49
CA VAL A 145 8.81 8.27 14.85
C VAL A 145 9.57 9.04 15.92
N LYS A 146 9.06 9.12 17.15
CA LYS A 146 8.70 7.98 17.97
C LYS A 146 9.96 7.67 18.77
N GLN A 147 10.64 6.62 18.33
CA GLN A 147 11.83 6.14 18.95
C GLN A 147 13.02 6.59 18.11
N LEU A 148 14.11 6.96 18.76
CA LEU A 148 15.30 7.43 18.05
C LEU A 148 16.61 6.78 18.57
N ILE A 149 17.45 6.34 17.67
CA ILE A 149 18.78 5.91 18.05
C ILE A 149 19.73 6.76 17.26
N VAL A 150 20.79 7.23 17.91
CA VAL A 150 21.81 7.97 17.27
C VAL A 150 23.07 7.15 17.27
N GLY A 151 23.56 6.88 16.07
CA GLY A 151 24.80 6.19 15.89
C GLY A 151 25.88 7.20 15.59
N VAL A 152 26.71 7.47 16.59
CA VAL A 152 27.81 8.35 16.43
C VAL A 152 28.89 7.61 15.66
N ASN A 153 28.86 7.78 14.33
CA ASN A 153 29.64 6.99 13.39
C ASN A 153 31.02 7.53 13.12
N LYS A 154 31.83 6.74 12.44
CA LYS A 154 33.17 7.15 12.07
C LYS A 154 34.14 7.35 13.23
N MET A 155 33.84 6.79 14.40
CA MET A 155 34.74 6.98 15.54
C MET A 155 36.22 6.69 15.22
N ASP A 156 36.49 5.80 14.28
CA ASP A 156 37.90 5.46 13.97
C ASP A 156 38.73 6.62 13.45
N SER A 157 38.05 7.66 13.00
CA SER A 157 38.70 8.72 12.22
C SER A 157 38.67 10.08 12.97
N THR A 158 38.32 10.05 14.26
CA THR A 158 38.36 11.22 15.11
C THR A 158 39.82 11.53 15.36
N GLU A 159 40.10 12.72 15.95
CA GLU A 159 41.46 13.05 16.39
C GLU A 159 41.55 13.27 17.90
N PRO A 160 42.33 12.42 18.59
CA PRO A 160 42.90 11.19 17.98
C PRO A 160 41.83 10.05 17.79
N ALA A 161 42.27 8.96 17.14
CA ALA A 161 41.36 7.84 16.83
C ALA A 161 40.48 7.41 18.01
N TYR A 162 39.19 7.33 17.77
CA TYR A 162 38.29 6.85 18.78
C TYR A 162 38.35 7.77 20.02
N GLU A 164 37.02 9.64 23.02
CA GLU A 164 35.98 9.92 23.97
C GLU A 164 35.55 11.42 24.06
N LYS A 165 36.52 12.37 24.05
CA LYS A 165 36.19 13.83 24.07
C LYS A 165 35.23 14.11 22.91
N ARG A 166 35.62 13.66 21.73
CA ARG A 166 34.80 13.87 20.56
C ARG A 166 33.44 13.25 20.71
N TYR A 167 33.38 12.01 21.19
CA TYR A 167 32.07 11.37 21.39
C TYR A 167 31.17 12.12 22.36
N ASP A 168 31.73 12.71 23.40
CA ASP A 168 30.86 13.47 24.35
C ASP A 168 30.36 14.78 23.73
N GLU A 169 31.24 15.48 23.05
CA GLU A 169 30.84 16.69 22.37
C GLU A 169 29.65 16.47 21.43
N ILE A 170 29.74 15.41 20.60
CA ILE A 170 28.65 15.11 19.68
C ILE A 170 27.40 14.76 20.47
N VAL A 171 27.56 13.99 21.53
CA VAL A 171 26.41 13.60 22.30
C VAL A 171 25.72 14.81 22.86
N LYS A 172 26.49 15.66 23.55
CA LYS A 172 25.95 16.89 24.19
C LYS A 172 25.27 17.82 23.17
N GLU A 173 25.98 18.09 22.08
CA GLU A 173 25.48 18.91 20.98
C GLU A 173 24.20 18.39 20.32
N VAL A 174 24.12 17.10 20.04
CA VAL A 174 22.93 16.53 19.37
C VAL A 174 21.73 16.41 20.30
N SER A 175 22.01 16.20 21.59
CA SER A 175 20.93 16.02 22.57
C SER A 175 20.23 17.33 22.76
N ALA A 176 21.00 18.41 22.90
CA ALA A 176 20.41 19.77 22.91
C ALA A 176 19.53 20.02 21.68
N TYR A 177 20.00 19.66 20.49
CA TYR A 177 19.18 19.91 19.36
C TYR A 177 17.88 19.11 19.40
N ILE A 178 17.96 17.82 19.72
CA ILE A 178 16.76 17.04 19.67
C ILE A 178 15.78 17.32 20.83
N LYS A 179 16.30 17.83 21.95
CA LYS A 179 15.46 18.36 23.02
C LYS A 179 14.61 19.51 22.46
N LYS A 180 15.26 20.42 21.73
CA LYS A 180 14.56 21.53 21.05
C LYS A 180 13.47 21.03 20.12
N ILE A 181 13.74 19.97 19.34
CA ILE A 181 12.76 19.42 18.38
C ILE A 181 11.53 18.85 19.05
N GLY A 182 11.70 18.36 20.29
CA GLY A 182 10.63 17.64 21.00
C GLY A 182 11.03 16.30 21.62
N TYR A 183 12.10 15.70 21.11
CA TYR A 183 12.61 14.42 21.64
C TYR A 183 13.19 14.54 23.04
N ASN A 184 12.86 13.59 23.92
CA ASN A 184 13.54 13.52 25.20
C ASN A 184 14.92 12.85 25.07
N PRO A 185 15.99 13.64 25.08
CA PRO A 185 17.32 13.03 24.83
C PRO A 185 17.73 11.97 25.88
N ALA A 186 17.08 11.95 27.02
CA ALA A 186 17.35 10.93 28.04
C ALA A 186 16.89 9.55 27.57
N THR A 187 16.02 9.55 26.57
CA THR A 187 15.42 8.31 26.07
C THR A 187 16.12 7.74 24.81
N VAL A 188 17.15 8.44 24.34
CA VAL A 188 17.72 8.11 23.05
C VAL A 188 19.08 7.50 23.27
N PRO A 189 19.29 6.30 22.74
CA PRO A 189 20.61 5.76 22.93
C PRO A 189 21.62 6.34 21.92
N PHE A 190 22.83 6.62 22.39
CA PHE A 190 23.86 7.23 21.59
C PHE A 190 25.03 6.30 21.48
N VAL A 191 25.15 5.63 20.34
CA VAL A 191 26.09 4.55 20.24
C VAL A 191 27.30 4.90 19.39
N PRO A 192 28.47 4.93 19.99
CA PRO A 192 29.67 5.13 19.18
C PRO A 192 30.03 3.90 18.37
N ILE A 193 29.97 3.99 17.04
CA ILE A 193 30.34 2.89 16.18
C ILE A 193 31.36 3.36 15.16
N SER A 194 31.94 2.41 14.43
CA SER A 194 32.53 2.65 13.14
C SER A 194 31.87 1.66 12.20
N GLY A 195 30.88 2.14 11.43
CA GLY A 195 30.23 1.32 10.41
C GLY A 195 31.24 0.68 9.46
N TRP A 196 32.39 1.27 9.30
CA TRP A 196 33.28 0.76 8.33
C TRP A 196 34.03 -0.42 8.89
N HIS A 197 34.62 -0.23 10.06
CA HIS A 197 35.47 -1.28 10.63
C HIS A 197 34.66 -2.32 11.38
N GLY A 198 33.46 -1.97 11.84
CA GLY A 198 32.63 -2.86 12.63
C GLY A 198 32.57 -2.47 14.11
N ASP A 199 33.59 -1.75 14.57
CA ASP A 199 33.65 -1.36 15.97
C ASP A 199 32.29 -1.08 16.61
N ASN A 200 31.91 -1.91 17.58
CA ASN A 200 30.78 -1.67 18.47
C ASN A 200 29.40 -1.84 17.88
N MET A 201 29.34 -2.55 16.76
CA MET A 201 28.02 -2.84 16.17
C MET A 201 27.31 -4.03 16.74
N LEU A 202 27.96 -5.19 16.72
CA LEU A 202 27.38 -6.40 17.33
C LEU A 202 27.93 -6.70 18.75
N GLU A 203 29.04 -6.03 19.11
CA GLU A 203 29.73 -6.29 20.34
C GLU A 203 30.78 -5.20 20.64
N PRO A 204 31.13 -5.03 21.94
CA PRO A 204 32.03 -3.95 22.35
C PRO A 204 33.32 -3.92 21.57
N SER A 205 33.96 -2.75 21.47
CA SER A 205 35.18 -2.65 20.72
C SER A 205 36.43 -2.50 21.61
N PRO A 206 37.39 -3.38 21.42
CA PRO A 206 38.71 -3.20 22.03
C PRO A 206 39.30 -1.83 21.76
N ASN A 207 38.85 -1.16 20.69
CA ASN A 207 39.33 0.20 20.38
C ASN A 207 38.63 1.26 21.20
N MET A 208 37.56 0.89 21.91
CA MET A 208 36.93 1.82 22.85
C MET A 208 36.76 1.29 24.29
N PRO A 209 37.90 0.96 24.94
CA PRO A 209 37.96 0.61 26.36
C PRO A 209 37.27 1.65 27.24
N TRP A 210 37.43 2.94 26.90
CA TRP A 210 36.74 4.01 27.63
C TRP A 210 35.26 3.92 27.60
N PHE A 211 34.70 3.23 26.60
CA PHE A 211 33.23 3.34 26.49
C PHE A 211 32.51 2.33 27.36
N LYS A 212 31.96 2.79 28.47
CA LYS A 212 31.35 1.87 29.45
C LYS A 212 29.93 1.57 29.04
N GLY A 213 29.45 2.15 27.95
CA GLY A 213 28.07 1.87 27.50
C GLY A 213 27.08 3.00 27.67
N TRP A 214 25.89 2.84 27.10
CA TRP A 214 24.91 3.92 27.04
C TRP A 214 23.74 3.58 27.88
N LYS A 215 22.99 4.58 28.29
CA LYS A 215 21.87 4.39 29.16
C LYS A 215 20.71 5.21 28.63
N VAL A 216 19.49 4.72 28.81
CA VAL A 216 18.28 5.48 28.49
C VAL A 216 17.28 5.35 29.62
N GLU A 217 16.56 6.44 29.89
CA GLU A 217 15.56 6.51 30.98
C GLU A 217 14.20 6.93 30.46
N ARG A 218 13.35 5.96 30.17
CA ARG A 218 12.04 6.28 29.61
C ARG A 218 10.93 6.11 30.64
N LYS A 219 9.77 6.70 30.34
CA LYS A 219 8.53 6.45 31.10
C LYS A 219 8.33 4.92 31.30
N GLU A 220 8.55 4.15 30.22
CA GLU A 220 8.25 2.73 30.21
C GLU A 220 9.42 1.82 30.64
N GLY A 221 10.27 2.32 31.53
CA GLY A 221 11.37 1.50 32.09
C GLY A 221 12.76 1.74 31.49
N ASN A 222 13.73 2.01 32.36
CA ASN A 222 15.16 2.13 32.00
C ASN A 222 15.79 0.91 31.33
N ALA A 223 16.91 1.15 30.63
CA ALA A 223 17.65 0.11 29.91
C ALA A 223 19.03 0.62 29.63
N SER A 224 19.95 -0.31 29.38
CA SER A 224 21.32 0.06 29.05
C SER A 224 22.05 -1.01 28.19
N GLY A 225 23.08 -0.59 27.49
CA GLY A 225 23.75 -1.47 26.56
C GLY A 225 25.07 -0.86 26.20
N VAL A 226 25.75 -1.53 25.28
CA VAL A 226 27.05 -1.08 24.81
C VAL A 226 27.04 -0.95 23.27
N SER A 227 26.46 -1.95 22.60
CA SER A 227 26.61 -2.08 21.17
C SER A 227 25.41 -1.47 20.47
N LEU A 228 25.54 -1.23 19.15
CA LEU A 228 24.36 -0.90 18.32
C LEU A 228 23.26 -1.93 18.45
N LEU A 229 23.63 -3.18 18.20
CA LEU A 229 22.67 -4.29 18.26
C LEU A 229 21.84 -4.26 19.55
N GLU A 230 22.49 -4.05 20.70
CA GLU A 230 21.71 -3.97 21.95
C GLU A 230 20.72 -2.83 21.91
N ALA A 231 21.19 -1.67 21.39
CA ALA A 231 20.38 -0.45 21.20
C ALA A 231 19.14 -0.71 20.37
N LEU A 232 19.31 -1.41 19.26
CA LEU A 232 18.17 -1.90 18.51
C LEU A 232 17.19 -2.64 19.38
N ASP A 233 17.67 -3.35 20.41
CA ASP A 233 16.76 -4.21 21.18
C ASP A 233 16.02 -3.44 22.24
N THR A 234 16.48 -2.24 22.55
CA THR A 234 15.69 -1.36 23.40
C THR A 234 14.44 -0.80 22.71
N ILE A 235 14.48 -0.65 21.39
CA ILE A 235 13.33 -0.03 20.71
C ILE A 235 12.04 -0.54 21.32
N LEU A 236 11.21 0.38 21.82
CA LEU A 236 9.85 -0.01 22.27
C LEU A 236 8.95 -0.06 21.09
N PRO A 237 7.98 -0.99 21.12
CA PRO A 237 7.01 -1.19 20.03
C PRO A 237 5.93 -0.09 20.03
N PRO A 238 5.08 -0.04 18.98
CA PRO A 238 3.96 0.90 18.82
C PRO A 238 3.23 1.29 20.13
N ARG A 240 0.54 1.60 20.86
CA ARG A 240 -0.71 0.83 20.97
C ARG A 240 -1.93 1.77 21.06
N PRO A 241 -2.70 1.86 19.98
CA PRO A 241 -3.52 3.04 19.75
C PRO A 241 -4.70 3.12 20.72
N THR A 242 -5.10 1.97 21.26
CA THR A 242 -6.21 1.89 22.22
C THR A 242 -5.97 2.69 23.53
N ASP A 243 -4.70 2.87 23.90
CA ASP A 243 -4.34 3.71 25.04
C ASP A 243 -4.64 5.19 24.84
N LYS A 244 -5.02 5.59 23.65
CA LYS A 244 -5.09 7.03 23.36
C LYS A 244 -6.51 7.59 23.55
N PRO A 245 -6.63 8.92 23.66
CA PRO A 245 -7.96 9.54 23.72
C PRO A 245 -8.82 9.21 22.49
N LEU A 246 -10.07 8.84 22.72
CA LEU A 246 -11.03 8.52 21.66
C LEU A 246 -11.01 9.55 20.52
N ARG A 247 -10.83 9.06 19.28
CA ARG A 247 -11.13 9.83 18.06
C ARG A 247 -11.85 8.92 17.10
N LEU A 248 -12.98 9.40 16.57
CA LEU A 248 -13.87 8.60 15.73
C LEU A 248 -14.43 9.45 14.58
N PRO A 249 -13.73 9.47 13.42
CA PRO A 249 -14.18 10.24 12.27
C PRO A 249 -15.50 9.72 11.74
N LEU A 250 -16.42 10.62 11.49
CA LEU A 250 -17.75 10.28 11.04
C LEU A 250 -17.77 10.03 9.55
N GLN A 251 -18.22 8.83 9.17
CA GLN A 251 -18.35 8.47 7.76
C GLN A 251 -19.69 8.95 7.26
N ASP A 252 -20.74 8.62 8.02
CA ASP A 252 -22.11 8.89 7.68
C ASP A 252 -22.87 9.20 8.95
N VAL A 253 -24.07 9.77 8.79
CA VAL A 253 -25.00 9.97 9.90
C VAL A 253 -26.42 9.72 9.40
N TYR A 254 -27.07 8.68 9.93
CA TYR A 254 -28.39 8.28 9.45
C TYR A 254 -29.49 8.71 10.41
N LYS A 255 -30.66 9.02 9.86
CA LYS A 255 -31.93 8.98 10.58
C LYS A 255 -32.40 7.52 10.61
N ILE A 256 -32.64 6.97 11.80
CA ILE A 256 -33.25 5.62 11.88
C ILE A 256 -34.55 5.62 12.72
N GLY A 257 -35.61 5.01 12.16
CA GLY A 257 -36.96 5.07 12.75
C GLY A 257 -37.09 4.37 14.10
N GLY A 258 -37.53 5.14 15.10
CA GLY A 258 -37.66 4.64 16.48
C GLY A 258 -36.35 4.52 17.24
N ILE A 259 -35.29 5.15 16.73
CA ILE A 259 -33.99 5.21 17.41
C ILE A 259 -33.38 6.62 17.34
N GLY A 260 -33.35 7.19 16.14
CA GLY A 260 -33.08 8.61 15.98
C GLY A 260 -31.87 8.93 15.11
N THR A 261 -30.74 9.16 15.76
CA THR A 261 -29.52 9.57 15.10
C THR A 261 -28.39 8.55 15.34
N VAL A 262 -28.00 7.85 14.28
CA VAL A 262 -26.88 6.92 14.33
C VAL A 262 -25.76 7.44 13.43
N PRO A 263 -24.79 8.18 14.00
CA PRO A 263 -23.56 8.38 13.25
C PRO A 263 -22.82 7.06 13.09
N VAL A 264 -22.25 6.83 11.89
CA VAL A 264 -21.38 5.70 11.66
C VAL A 264 -19.96 6.20 11.43
N GLY A 265 -19.00 5.42 11.91
CA GLY A 265 -17.61 5.77 11.71
C GLY A 265 -16.71 4.66 12.18
N ARG A 266 -15.42 4.93 12.11
CA ARG A 266 -14.42 3.98 12.55
C ARG A 266 -13.58 4.60 13.65
N VAL A 267 -13.50 3.89 14.77
CA VAL A 267 -12.65 4.32 15.88
C VAL A 267 -11.19 4.24 15.45
N GLU A 268 -10.54 5.39 15.36
CA GLU A 268 -9.12 5.41 14.97
C GLU A 268 -8.26 5.21 16.18
N THR A 269 -8.62 5.88 17.27
CA THR A 269 -7.94 5.73 18.57
C THR A 269 -8.93 5.69 19.74
N GLY A 270 -8.47 5.20 20.88
CA GLY A 270 -9.26 5.19 22.08
C GLY A 270 -10.35 4.14 22.06
N ILE A 271 -11.28 4.25 22.98
CA ILE A 271 -12.41 3.36 23.03
C ILE A 271 -13.68 4.17 22.94
N LEU A 272 -14.71 3.57 22.38
CA LEU A 272 -16.05 4.06 22.54
C LEU A 272 -16.81 3.01 23.32
N ARG A 273 -17.61 3.47 24.27
CA ARG A 273 -18.57 2.59 24.96
C ARG A 273 -19.90 3.32 25.18
N PRO A 274 -20.98 2.57 25.41
CA PRO A 274 -22.28 3.19 25.68
C PRO A 274 -22.20 4.01 26.97
N GLY A 275 -22.88 5.16 26.99
CA GLY A 275 -22.86 6.03 28.16
C GLY A 275 -21.53 6.74 28.27
N MET A 276 -21.10 7.33 27.18
CA MET A 276 -19.96 8.22 27.21
C MET A 276 -20.44 9.60 26.89
N VAL A 277 -19.84 10.59 27.52
CA VAL A 277 -20.16 11.94 27.19
C VAL A 277 -19.12 12.46 26.20
N VAL A 278 -19.57 12.67 24.96
CA VAL A 278 -18.67 12.81 23.79
C VAL A 278 -18.86 14.14 23.06
N THR A 279 -17.74 14.79 22.74
CA THR A 279 -17.78 16.02 21.93
C THR A 279 -17.69 15.69 20.44
N PHE A 280 -18.31 16.54 19.61
CA PHE A 280 -18.16 16.47 18.17
C PHE A 280 -17.53 17.77 17.71
N ALA A 281 -16.34 17.67 17.12
CA ALA A 281 -15.75 18.79 16.41
C ALA A 281 -16.12 18.71 14.92
N PRO A 282 -16.03 19.83 14.18
CA PRO A 282 -15.67 21.16 14.70
C PRO A 282 -16.85 21.82 15.41
N VAL A 283 -18.07 21.38 15.06
CA VAL A 283 -19.33 21.96 15.51
C VAL A 283 -19.52 22.18 17.02
N ASN A 284 -18.59 21.66 17.83
CA ASN A 284 -18.67 21.72 19.30
C ASN A 284 -20.06 21.41 19.90
N ILE A 285 -20.36 20.13 20.03
CA ILE A 285 -21.68 19.69 20.47
C ILE A 285 -21.51 18.40 21.26
N THR A 286 -21.80 18.46 22.55
CA THR A 286 -21.67 17.28 23.41
C THR A 286 -22.96 16.46 23.50
N THR A 287 -22.84 15.20 23.94
CA THR A 287 -24.00 14.34 24.25
C THR A 287 -23.60 12.96 24.80
N GLU A 288 -24.60 12.11 25.01
CA GLU A 288 -24.43 10.79 25.57
C GLU A 288 -24.63 9.77 24.47
N VAL A 289 -24.01 8.61 24.63
CA VAL A 289 -24.13 7.58 23.65
C VAL A 289 -24.94 6.46 24.26
N LYS A 290 -26.22 6.38 23.88
CA LYS A 290 -27.10 5.33 24.44
C LYS A 290 -26.76 3.93 23.90
N SER A 291 -26.54 3.85 22.60
CA SER A 291 -26.35 2.59 21.91
C SER A 291 -25.01 2.57 21.14
N VAL A 292 -24.41 1.38 21.01
CA VAL A 292 -23.24 1.19 20.12
C VAL A 292 -23.38 -0.13 19.34
N GLU A 293 -23.43 -0.04 18.01
CA GLU A 293 -23.70 -1.22 17.17
C GLU A 293 -22.63 -1.52 16.10
N MET A 294 -22.45 -2.81 15.80
CA MET A 294 -21.48 -3.28 14.82
C MET A 294 -21.89 -4.68 14.41
N HIS A 295 -22.21 -4.85 13.12
CA HIS A 295 -22.64 -6.16 12.57
C HIS A 295 -24.04 -6.53 12.99
N HIS A 296 -24.86 -5.48 13.18
CA HIS A 296 -26.18 -5.59 13.86
C HIS A 296 -26.11 -6.38 15.16
N GLU A 297 -25.36 -5.82 16.12
CA GLU A 297 -25.28 -6.31 17.50
C GLU A 297 -24.68 -5.19 18.34
N ALA A 298 -25.23 -4.96 19.53
CA ALA A 298 -24.67 -3.96 20.43
C ALA A 298 -23.25 -4.34 20.85
N LEU A 299 -22.46 -3.35 21.21
CA LEU A 299 -21.10 -3.59 21.62
C LEU A 299 -20.86 -3.05 23.03
N SER A 300 -20.15 -3.85 23.84
CA SER A 300 -19.67 -3.40 25.14
C SER A 300 -18.71 -2.20 24.96
N GLU A 301 -17.57 -2.45 24.30
CA GLU A 301 -16.69 -1.37 23.85
C GLU A 301 -16.56 -1.47 22.33
N ALA A 302 -16.31 -0.33 21.69
CA ALA A 302 -15.86 -0.31 20.29
C ALA A 302 -14.39 0.05 20.23
N LEU A 303 -13.58 -0.88 19.76
CA LEU A 303 -12.12 -0.74 19.86
C LEU A 303 -11.56 -0.02 18.62
N PRO A 304 -10.28 0.37 18.66
CA PRO A 304 -9.65 0.91 17.46
C PRO A 304 -9.74 -0.05 16.29
N GLY A 305 -9.91 0.48 15.09
CA GLY A 305 -10.14 -0.34 13.86
C GLY A 305 -11.55 -0.93 13.70
N ASP A 306 -12.47 -0.53 14.58
CA ASP A 306 -13.87 -0.99 14.52
C ASP A 306 -14.79 -0.03 13.78
N ASN A 307 -15.57 -0.60 12.87
CA ASN A 307 -16.51 0.18 12.11
C ASN A 307 -17.86 0.09 12.77
N VAL A 308 -18.28 1.19 13.40
CA VAL A 308 -19.45 1.16 14.25
C VAL A 308 -20.47 2.25 13.98
N GLY A 309 -21.73 1.84 13.95
CA GLY A 309 -22.85 2.77 14.08
C GLY A 309 -23.16 2.91 15.56
N PHE A 310 -23.51 4.13 15.98
CA PHE A 310 -23.71 4.40 17.39
C PHE A 310 -24.72 5.50 17.59
N ASN A 311 -25.65 5.24 18.51
CA ASN A 311 -26.83 6.06 18.72
C ASN A 311 -26.61 7.12 19.79
N VAL A 312 -26.85 8.36 19.43
CA VAL A 312 -26.71 9.47 20.36
C VAL A 312 -28.05 10.17 20.58
N LYS A 313 -28.47 10.30 21.84
CA LYS A 313 -29.68 11.08 22.17
C LYS A 313 -29.36 12.57 22.19
N ASN A 314 -30.36 13.40 21.85
CA ASN A 314 -30.23 14.86 21.97
C ASN A 314 -29.95 15.62 20.67
N VAL A 315 -29.69 14.91 19.58
CA VAL A 315 -29.10 15.54 18.36
C VAL A 315 -29.82 15.17 17.05
N SER A 316 -30.24 16.19 16.30
CA SER A 316 -30.93 15.95 15.02
C SER A 316 -29.92 15.73 13.90
N VAL A 317 -30.13 14.64 13.17
CA VAL A 317 -29.40 14.34 11.95
C VAL A 317 -28.62 15.53 11.36
N LYS A 318 -29.29 16.67 11.17
CA LYS A 318 -28.66 17.82 10.49
C LYS A 318 -27.74 18.69 11.37
N ASP A 319 -27.45 18.22 12.59
CA ASP A 319 -26.53 18.94 13.49
C ASP A 319 -25.08 18.57 13.19
N ILE A 320 -24.87 17.28 12.93
CA ILE A 320 -23.56 16.70 12.65
C ILE A 320 -23.55 16.16 11.22
N ARG A 321 -22.40 15.70 10.75
CA ARG A 321 -22.27 15.26 9.34
C ARG A 321 -21.01 14.41 9.16
N ARG A 322 -20.86 13.85 7.95
CA ARG A 322 -19.58 13.27 7.53
C ARG A 322 -18.52 14.36 7.58
N GLY A 323 -17.39 14.04 8.19
CA GLY A 323 -16.28 15.00 8.30
C GLY A 323 -16.07 15.40 9.74
N ASN A 324 -17.12 15.25 10.53
CA ASN A 324 -17.06 15.56 11.93
C ASN A 324 -16.26 14.52 12.67
N VAL A 325 -15.46 14.98 13.64
CA VAL A 325 -14.67 14.10 14.49
C VAL A 325 -15.33 14.01 15.87
N CYS A 326 -15.77 12.82 16.22
CA CYS A 326 -16.30 12.56 17.54
C CYS A 326 -15.19 12.08 18.48
N GLY A 327 -15.26 12.50 19.74
CA GLY A 327 -14.26 12.13 20.74
C GLY A 327 -14.78 12.18 22.16
N ASP A 328 -13.89 12.04 23.13
CA ASP A 328 -14.31 12.04 24.53
C ASP A 328 -14.23 13.45 25.11
N SER A 329 -15.32 13.89 25.72
CA SER A 329 -15.39 15.25 26.28
C SER A 329 -14.66 15.36 27.62
N LYS A 330 -14.38 14.23 28.26
CA LYS A 330 -13.59 14.20 29.51
C LYS A 330 -12.17 13.59 29.36
N SER A 331 -11.61 13.68 28.15
CA SER A 331 -10.31 13.05 27.82
C SER A 331 -9.78 13.60 26.48
N ASP A 332 -9.09 14.73 26.53
CA ASP A 332 -8.73 15.49 25.33
C ASP A 332 -9.86 15.51 24.30
N PRO A 333 -10.82 16.41 24.48
CA PRO A 333 -11.91 16.55 23.53
C PRO A 333 -11.40 17.15 22.23
N PRO A 334 -11.96 16.70 21.08
CA PRO A 334 -11.56 17.14 19.75
C PRO A 334 -12.00 18.55 19.40
N GLN A 335 -11.13 19.52 19.56
CA GLN A 335 -11.47 20.90 19.18
C GLN A 335 -11.60 21.08 17.67
N GLU A 336 -12.20 22.19 17.26
CA GLU A 336 -12.10 22.67 15.90
C GLU A 336 -10.69 23.21 15.66
N ALA A 337 -10.33 23.37 14.39
CA ALA A 337 -8.99 23.84 14.04
C ALA A 337 -9.08 25.20 13.39
N ALA A 338 -8.14 26.07 13.75
CA ALA A 338 -8.09 27.43 13.21
C ALA A 338 -7.21 27.45 11.98
N GLN A 339 -5.92 27.20 12.20
CA GLN A 339 -4.98 26.91 11.14
C GLN A 339 -4.10 25.74 11.55
N PHE A 340 -3.40 25.16 10.59
CA PHE A 340 -2.46 24.10 10.87
C PHE A 340 -1.27 24.13 9.94
N THR A 341 -0.11 23.82 10.48
CA THR A 341 1.10 23.72 9.67
C THR A 341 1.32 22.27 9.29
N SER A 342 1.74 22.06 8.05
CA SER A 342 1.86 20.72 7.53
C SER A 342 3.03 20.58 6.55
N GLN A 343 3.57 19.37 6.44
CA GLN A 343 4.56 19.09 5.42
C GLN A 343 3.97 18.22 4.31
N VAL A 344 4.36 18.55 3.08
CA VAL A 344 3.61 18.11 1.91
C VAL A 344 4.59 17.89 0.81
N ILE A 345 4.24 17.02 -0.11
CA ILE A 345 5.03 16.85 -1.30
C ILE A 345 4.06 17.09 -2.42
N ILE A 346 4.50 17.82 -3.44
CA ILE A 346 3.64 18.13 -4.56
C ILE A 346 3.92 17.15 -5.66
N LEU A 347 2.87 16.50 -6.13
CA LEU A 347 2.96 15.55 -7.21
C LEU A 347 2.30 16.15 -8.45
N ASN A 348 2.63 15.59 -9.62
CA ASN A 348 2.24 16.19 -10.93
C ASN A 348 0.99 17.11 -10.96
N HIS A 349 1.20 18.33 -10.48
CA HIS A 349 0.29 19.45 -10.65
C HIS A 349 0.81 20.26 -11.82
N PRO A 350 -0.12 20.82 -12.64
CA PRO A 350 0.26 21.51 -13.89
C PRO A 350 0.92 22.89 -13.68
N GLY A 351 0.36 23.70 -12.79
CA GLY A 351 0.68 25.13 -12.73
C GLY A 351 1.86 25.46 -11.83
N GLN A 352 1.56 26.22 -10.78
CA GLN A 352 2.58 26.76 -9.89
C GLN A 352 1.87 27.27 -8.65
N ILE A 353 1.97 26.49 -7.58
CA ILE A 353 1.20 26.78 -6.39
C ILE A 353 1.75 28.05 -5.75
N SER A 354 0.89 29.06 -5.61
CA SER A 354 1.30 30.34 -5.01
C SER A 354 0.54 30.56 -3.73
N ALA A 355 1.06 31.42 -2.86
CA ALA A 355 0.37 31.73 -1.60
C ALA A 355 -1.13 31.91 -1.89
N GLY A 356 -1.97 31.47 -0.97
CA GLY A 356 -3.44 31.67 -1.08
C GLY A 356 -4.22 30.66 -1.93
N TYR A 357 -3.50 29.79 -2.65
CA TYR A 357 -4.08 28.67 -3.42
C TYR A 357 -5.03 27.81 -2.56
N SER A 358 -6.15 27.41 -3.17
CA SER A 358 -7.30 26.91 -2.41
C SER A 358 -7.91 25.65 -3.02
N PRO A 359 -7.31 24.49 -2.72
CA PRO A 359 -7.87 23.21 -3.14
C PRO A 359 -8.58 22.49 -2.00
N VAL A 360 -9.23 21.37 -2.33
CA VAL A 360 -9.89 20.56 -1.31
C VAL A 360 -8.90 19.64 -0.59
N ILE A 361 -9.03 19.58 0.72
CA ILE A 361 -8.26 18.65 1.50
C ILE A 361 -9.13 17.47 1.93
N ASP A 362 -8.81 16.28 1.42
CA ASP A 362 -9.32 15.05 2.02
C ASP A 362 -8.42 14.69 3.20
N CYS A 363 -9.03 14.46 4.36
CA CYS A 363 -8.31 14.09 5.57
C CYS A 363 -9.22 13.35 6.55
N HIS A 364 -8.80 12.19 7.00
CA HIS A 364 -9.74 11.16 7.44
C HIS A 364 -10.98 11.17 6.57
N THR A 365 -12.17 11.30 7.17
CA THR A 365 -13.43 11.40 6.40
C THR A 365 -13.85 12.82 6.06
N ALA A 366 -13.07 13.79 6.52
CA ALA A 366 -13.32 15.20 6.17
C ALA A 366 -12.98 15.54 4.74
N HIS A 367 -13.70 16.52 4.19
CA HIS A 367 -13.55 16.97 2.79
C HIS A 367 -13.79 18.46 2.66
N ILE A 368 -12.73 19.26 2.71
CA ILE A 368 -12.87 20.70 2.96
C ILE A 368 -11.84 21.53 2.23
N ALA A 369 -12.28 22.62 1.61
CA ALA A 369 -11.34 23.50 0.91
C ALA A 369 -10.42 24.18 1.91
N CYS A 370 -9.12 24.06 1.71
CA CYS A 370 -8.18 24.76 2.54
C CYS A 370 -7.35 25.72 1.73
N LYS A 371 -6.86 26.75 2.40
CA LYS A 371 -6.11 27.79 1.76
C LYS A 371 -4.67 27.61 2.13
N PHE A 372 -3.80 27.63 1.12
CA PHE A 372 -2.37 27.68 1.37
C PHE A 372 -1.99 29.09 1.81
N ALA A 373 -2.40 29.46 3.01
CA ALA A 373 -2.08 30.79 3.53
C ALA A 373 -0.60 31.12 3.27
N GLU A 374 0.29 30.63 4.12
CA GLU A 374 1.72 30.91 3.95
C GLU A 374 2.50 29.69 3.40
N LEU A 375 3.50 29.97 2.56
CA LEU A 375 4.42 28.93 2.09
C LEU A 375 5.78 29.01 2.83
N LYS A 376 5.79 28.60 4.11
CA LYS A 376 6.96 28.73 5.00
C LYS A 376 8.30 28.18 4.44
N GLU A 377 8.27 27.05 3.75
CA GLU A 377 9.51 26.33 3.40
C GLU A 377 9.39 25.60 2.08
N LYS A 378 10.49 25.51 1.33
CA LYS A 378 10.56 24.57 0.21
C LYS A 378 11.69 23.55 0.39
N ILE A 379 11.34 22.29 0.20
CA ILE A 379 12.18 21.18 0.68
C ILE A 379 12.54 20.30 -0.50
N ASP A 380 13.73 19.72 -0.45
CA ASP A 380 14.10 18.72 -1.42
C ASP A 380 13.39 17.36 -1.14
N ARG A 381 12.88 16.72 -2.19
CA ARG A 381 12.12 15.50 -2.04
C ARG A 381 13.01 14.22 -1.86
N ARG A 382 14.28 14.33 -2.28
CA ARG A 382 15.26 13.22 -2.25
C ARG A 382 15.87 13.10 -0.86
N SER A 383 15.94 14.23 -0.16
CA SER A 383 16.90 14.40 0.90
C SER A 383 16.33 15.09 2.15
N GLY A 384 15.14 15.66 2.06
CA GLY A 384 14.60 16.45 3.17
C GLY A 384 15.28 17.81 3.36
N LYS A 385 16.39 18.03 2.66
CA LYS A 385 17.17 19.28 2.74
C LYS A 385 16.24 20.46 2.57
N LYS A 386 16.08 21.30 3.61
CA LYS A 386 15.40 22.62 3.41
C LYS A 386 16.14 23.50 2.40
N LEU A 387 15.45 23.87 1.33
CA LEU A 387 16.11 24.46 0.16
C LEU A 387 15.96 25.97 0.08
N GLU A 388 15.02 26.52 0.86
CA GLU A 388 14.57 27.89 0.68
C GLU A 388 13.50 28.26 1.70
N ASP A 389 13.51 29.52 2.14
CA ASP A 389 12.47 30.01 3.05
C ASP A 389 11.44 30.87 2.29
N ASN A 390 10.19 30.79 2.73
CA ASN A 390 9.04 31.41 2.04
C ASN A 390 9.18 31.50 0.52
N PRO A 391 9.16 30.35 -0.19
CA PRO A 391 9.36 30.40 -1.64
C PRO A 391 8.21 31.14 -2.31
N LYS A 392 8.45 31.73 -3.47
CA LYS A 392 7.38 32.49 -4.14
C LYS A 392 6.30 31.50 -4.53
N SER A 393 6.72 30.42 -5.20
CA SER A 393 5.82 29.38 -5.67
C SER A 393 6.39 27.92 -5.51
N LEU A 394 5.48 26.95 -5.42
CA LEU A 394 5.85 25.53 -5.38
C LEU A 394 5.43 24.86 -6.68
N LYS A 395 6.31 24.07 -7.26
CA LYS A 395 5.89 23.31 -8.44
C LYS A 395 5.96 21.78 -8.22
N SER A 396 5.78 21.01 -9.28
CA SER A 396 5.81 19.56 -9.19
C SER A 396 7.15 19.09 -8.63
N GLY A 397 7.11 18.02 -7.85
CA GLY A 397 8.31 17.43 -7.32
C GLY A 397 8.88 18.20 -6.15
N ASP A 398 8.14 19.17 -5.63
CA ASP A 398 8.67 19.94 -4.53
C ASP A 398 7.97 19.48 -3.31
N ALA A 399 8.70 19.46 -2.19
CA ALA A 399 8.06 19.32 -0.88
C ALA A 399 8.10 20.64 -0.22
N ALA A 400 7.34 20.81 0.84
CA ALA A 400 7.16 22.11 1.37
C ALA A 400 6.60 22.05 2.79
N ILE A 401 6.81 23.13 3.52
CA ILE A 401 6.03 23.40 4.71
C ILE A 401 5.13 24.59 4.44
N VAL A 402 3.85 24.44 4.78
CA VAL A 402 2.86 25.41 4.41
C VAL A 402 1.90 25.57 5.57
N GLU A 403 1.54 26.82 5.90
CA GLU A 403 0.44 27.07 6.85
C GLU A 403 -0.85 26.89 6.11
N MET A 404 -1.90 26.48 6.82
CA MET A 404 -3.15 26.10 6.17
C MET A 404 -4.42 26.50 6.90
N VAL A 405 -5.30 27.18 6.20
CA VAL A 405 -6.55 27.60 6.79
C VAL A 405 -7.72 27.02 6.05
N PRO A 406 -8.59 26.32 6.78
CA PRO A 406 -9.82 25.77 6.26
C PRO A 406 -10.79 26.88 5.82
N GLY A 407 -11.45 26.67 4.68
CA GLY A 407 -12.67 27.40 4.32
C GLY A 407 -13.77 27.16 5.36
N LYS A 408 -14.50 26.06 5.22
CA LYS A 408 -15.48 25.67 6.25
C LYS A 408 -14.76 25.29 7.55
N PRO A 409 -15.52 25.13 8.65
CA PRO A 409 -14.92 24.60 9.89
C PRO A 409 -14.46 23.14 9.74
N MET A 410 -13.45 22.75 10.52
CA MET A 410 -12.73 21.49 10.29
C MET A 410 -12.04 21.02 11.58
N CYS A 411 -11.97 19.69 11.75
CA CYS A 411 -11.22 19.09 12.86
C CYS A 411 -10.12 18.21 12.31
N VAL A 412 -8.88 18.58 12.59
CA VAL A 412 -7.75 17.76 12.21
C VAL A 412 -6.74 17.71 13.34
N GLU A 413 -5.89 16.68 13.33
CA GLU A 413 -4.86 16.51 14.37
C GLU A 413 -3.48 16.49 13.72
N SER A 414 -2.43 16.57 14.54
CA SER A 414 -1.06 16.44 14.02
C SER A 414 -0.70 14.96 13.85
N PHE A 415 0.03 14.66 12.78
CA PHE A 415 0.31 13.28 12.45
C PHE A 415 0.87 12.49 13.65
N SER A 416 1.68 13.16 14.46
CA SER A 416 2.41 12.52 15.54
C SER A 416 1.53 12.15 16.71
N GLN A 417 0.42 12.88 16.88
CA GLN A 417 -0.49 12.62 18.00
C GLN A 417 -1.63 11.69 17.63
N TYR A 418 -2.26 11.95 16.49
CA TYR A 418 -3.37 11.10 16.01
C TYR A 418 -3.25 10.76 14.52
N PRO A 419 -2.28 9.88 14.17
CA PRO A 419 -1.95 9.58 12.76
C PRO A 419 -3.15 9.51 11.78
N PRO A 420 -4.16 8.67 12.09
CA PRO A 420 -5.16 8.49 11.04
C PRO A 420 -5.89 9.79 10.70
N LEU A 421 -5.58 10.85 11.44
CA LEU A 421 -6.31 12.12 11.34
C LEU A 421 -5.36 13.24 11.06
N GLY A 422 -4.17 12.91 10.55
CA GLY A 422 -3.10 13.89 10.43
C GLY A 422 -2.37 13.72 9.12
N ARG A 423 -2.94 12.92 8.24
CA ARG A 423 -2.38 12.72 6.91
C ARG A 423 -3.49 12.96 5.93
N PHE A 424 -3.20 13.74 4.90
CA PHE A 424 -4.24 14.21 4.03
C PHE A 424 -3.71 14.20 2.62
N ALA A 425 -4.65 14.23 1.68
CA ALA A 425 -4.34 14.45 0.27
C ALA A 425 -4.95 15.76 -0.17
N VAL A 426 -4.25 16.45 -1.05
CA VAL A 426 -4.72 17.68 -1.64
C VAL A 426 -5.28 17.38 -3.00
N ARG A 427 -6.58 17.63 -3.15
CA ARG A 427 -7.29 17.30 -4.40
C ARG A 427 -7.88 18.52 -5.15
N ASP A 428 -7.69 18.52 -6.46
CA ASP A 428 -7.95 19.67 -7.32
C ASP A 428 -8.68 19.16 -8.58
N MET A 429 -10.02 19.19 -8.49
CA MET A 429 -10.90 18.49 -9.43
C MET A 429 -10.82 16.97 -9.22
N ARG A 430 -10.65 16.22 -10.30
CA ARG A 430 -10.45 14.79 -10.21
C ARG A 430 -8.94 14.46 -10.18
N GLN A 431 -8.12 15.48 -9.91
CA GLN A 431 -6.66 15.32 -9.80
C GLN A 431 -6.21 15.28 -8.33
N THR A 432 -5.28 14.39 -8.01
CA THR A 432 -4.58 14.47 -6.73
C THR A 432 -3.30 15.24 -6.90
N VAL A 433 -3.10 16.30 -6.14
CA VAL A 433 -1.94 17.15 -6.41
C VAL A 433 -0.89 17.06 -5.37
N ALA A 434 -1.30 16.81 -4.14
CA ALA A 434 -0.34 16.76 -3.08
C ALA A 434 -0.81 15.81 -2.04
N VAL A 435 0.14 15.28 -1.29
CA VAL A 435 -0.14 14.60 -0.05
C VAL A 435 0.77 15.24 1.02
N GLY A 436 0.33 15.19 2.28
CA GLY A 436 1.13 15.73 3.37
C GLY A 436 0.72 15.23 4.75
N VAL A 437 1.52 15.60 5.73
CA VAL A 437 1.18 15.29 7.10
C VAL A 437 1.25 16.56 7.92
N ILE A 438 0.49 16.56 9.00
CA ILE A 438 0.22 17.73 9.74
C ILE A 438 1.23 17.76 10.86
N LYS A 439 2.07 18.81 10.89
CA LYS A 439 2.93 19.10 12.06
C LYS A 439 2.16 19.69 13.27
N ASN A 440 1.90 21.00 13.22
CA ASN A 440 1.18 21.71 14.29
C ASN A 440 -0.22 22.09 13.85
N VAL A 441 -1.16 21.94 14.76
CA VAL A 441 -2.54 22.42 14.54
C VAL A 441 -2.87 23.49 15.57
N GLU A 442 -3.14 24.71 15.11
CA GLU A 442 -3.54 25.78 16.04
C GLU A 442 -5.01 25.69 16.34
N LYS A 443 -5.30 25.19 17.55
CA LYS A 443 -6.65 24.83 17.98
C LYS A 443 -7.62 26.02 17.95
N LYS A 444 -8.88 25.73 18.20
CA LYS A 444 -9.90 26.76 18.33
C LYS A 444 -10.13 27.10 19.80
N SER A 445 -10.15 28.40 20.10
CA SER A 445 -10.87 28.93 21.25
C SER A 445 -12.35 28.96 20.89
N GLY A 446 -13.19 28.38 21.75
CA GLY A 446 -14.61 28.23 21.45
C GLY A 446 -15.31 27.55 22.60
N GLY A 447 -16.24 28.26 23.21
CA GLY A 447 -16.86 27.81 24.45
C GLY A 447 -17.62 26.50 24.28
N ALA A 448 -17.54 25.63 25.28
CA ALA A 448 -18.32 24.38 25.31
C ALA A 448 -19.79 24.65 24.93
N GLY A 449 -20.61 23.59 24.93
CA GLY A 449 -22.03 23.75 24.63
C GLY A 449 -22.29 24.01 23.15
N LYS A 450 -23.41 23.50 22.64
CA LYS A 450 -24.42 22.82 23.45
C LYS A 450 -23.87 21.63 24.24
N VAL A 451 -24.23 21.55 25.52
CA VAL A 451 -24.02 20.35 26.34
C VAL A 451 -25.36 19.59 26.44
N THR A 452 -26.29 19.97 25.57
CA THR A 452 -27.63 19.35 25.43
C THR A 452 -28.00 18.39 26.56
N LYS A 453 -28.89 18.87 27.43
CA LYS A 453 -29.28 18.19 28.68
C LYS A 453 -28.30 17.16 29.25
N SER A 454 -27.98 16.14 28.45
CA SER A 454 -27.28 14.91 28.91
C SER A 454 -26.12 15.10 29.92
N ALA A 455 -25.47 16.27 29.90
CA ALA A 455 -24.60 16.74 31.00
C ALA A 455 -23.50 15.71 31.43
N GLU B 4 -19.19 -11.09 11.26
CA GLU B 4 -18.07 -11.61 10.41
C GLU B 4 -18.55 -12.15 9.04
N LYS B 5 -19.17 -11.29 8.24
CA LYS B 5 -19.37 -11.56 6.81
C LYS B 5 -18.05 -11.32 6.12
N THR B 6 -17.80 -12.07 5.07
CA THR B 6 -16.49 -11.99 4.43
C THR B 6 -16.40 -10.74 3.49
N HIS B 7 -15.21 -10.19 3.33
CA HIS B 7 -14.98 -9.02 2.50
C HIS B 7 -14.65 -9.33 1.08
N ILE B 8 -15.25 -8.58 0.18
CA ILE B 8 -15.13 -8.89 -1.21
C ILE B 8 -14.75 -7.61 -1.90
N ASN B 9 -13.87 -7.75 -2.87
CA ASN B 9 -13.41 -6.64 -3.65
C ASN B 9 -13.87 -6.79 -5.08
N ILE B 10 -14.44 -5.69 -5.58
CA ILE B 10 -15.07 -5.66 -6.90
C ILE B 10 -14.41 -4.58 -7.79
N VAL B 11 -14.13 -4.98 -9.01
CA VAL B 11 -13.62 -4.07 -10.00
C VAL B 11 -14.71 -3.94 -11.08
N VAL B 12 -15.05 -2.70 -11.45
CA VAL B 12 -16.05 -2.51 -12.53
C VAL B 12 -15.39 -2.17 -13.82
N ILE B 13 -15.71 -2.93 -14.85
CA ILE B 13 -15.09 -2.73 -16.15
C ILE B 13 -16.18 -2.72 -17.23
N GLY B 14 -15.76 -2.63 -18.48
CA GLY B 14 -16.64 -2.38 -19.60
C GLY B 14 -16.30 -1.11 -20.38
N HIS B 15 -16.74 -1.08 -21.64
CA HIS B 15 -16.38 -0.03 -22.57
C HIS B 15 -16.87 1.30 -22.11
N VAL B 16 -16.15 2.36 -22.48
CA VAL B 16 -16.52 3.76 -22.08
C VAL B 16 -17.95 4.06 -22.48
N ASP B 17 -18.66 4.80 -21.64
CA ASP B 17 -20.10 5.07 -21.85
C ASP B 17 -21.02 3.83 -21.87
N SER B 18 -20.53 2.65 -21.45
CA SER B 18 -21.46 1.51 -21.34
C SER B 18 -22.31 1.59 -20.08
N GLY B 19 -21.88 2.37 -19.11
CA GLY B 19 -22.74 2.66 -17.97
C GLY B 19 -22.12 2.32 -16.61
N LYS B 20 -20.78 2.21 -16.57
CA LYS B 20 -20.07 1.80 -15.37
C LYS B 20 -20.33 2.68 -14.16
N SER B 21 -20.09 3.97 -14.25
CA SER B 21 -20.38 4.84 -13.09
C SER B 21 -21.88 4.89 -12.72
N THR B 22 -22.75 4.69 -13.71
CA THR B 22 -24.15 4.90 -13.47
C THR B 22 -24.65 3.77 -12.65
N THR B 23 -24.53 2.57 -13.20
CA THR B 23 -24.75 1.31 -12.47
C THR B 23 -24.09 1.22 -11.08
N THR B 24 -22.82 1.55 -10.99
CA THR B 24 -22.14 1.45 -9.75
C THR B 24 -22.76 2.43 -8.78
N GLY B 25 -22.97 3.66 -9.23
CA GLY B 25 -23.58 4.72 -8.34
C GLY B 25 -25.00 4.34 -7.89
N HIS B 26 -25.80 3.83 -8.82
CA HIS B 26 -27.15 3.43 -8.48
C HIS B 26 -27.11 2.40 -7.38
N LEU B 27 -26.40 1.29 -7.62
CA LEU B 27 -26.13 0.25 -6.63
C LEU B 27 -25.72 0.81 -5.25
N ILE B 28 -24.71 1.70 -5.21
CA ILE B 28 -24.35 2.28 -3.95
C ILE B 28 -25.58 2.95 -3.31
N TYR B 29 -26.31 3.71 -4.12
CA TYR B 29 -27.47 4.48 -3.62
C TYR B 29 -28.49 3.55 -3.05
N LYS B 30 -28.80 2.52 -3.79
CA LYS B 30 -29.88 1.64 -3.45
C LYS B 30 -29.53 0.72 -2.26
N CYS B 31 -28.28 0.71 -1.83
CA CYS B 31 -27.84 -0.23 -0.78
C CYS B 31 -27.58 0.50 0.50
N GLY B 32 -27.77 1.81 0.50
CA GLY B 32 -27.63 2.59 1.71
C GLY B 32 -26.25 2.73 2.33
N GLY B 33 -25.19 2.49 1.56
CA GLY B 33 -23.82 2.72 2.05
C GLY B 33 -23.54 4.17 2.46
N ILE B 34 -24.16 5.11 1.76
CA ILE B 34 -24.07 6.52 2.11
C ILE B 34 -25.46 7.02 2.48
N ASP B 35 -25.51 7.94 3.45
CA ASP B 35 -26.77 8.55 3.83
C ASP B 35 -27.22 9.61 2.82
N LYS B 36 -28.54 9.75 2.66
CA LYS B 36 -29.16 10.53 1.57
C LYS B 36 -28.66 11.98 1.59
N ARG B 37 -28.44 12.48 2.80
CA ARG B 37 -27.94 13.81 3.00
C ARG B 37 -26.56 13.93 2.34
N THR B 38 -25.71 12.95 2.59
CA THR B 38 -24.32 12.95 2.15
C THR B 38 -24.21 12.69 0.65
N ILE B 39 -25.02 11.75 0.14
CA ILE B 39 -25.26 11.61 -1.30
C ILE B 39 -25.61 12.95 -2.00
N GLU B 40 -26.23 13.90 -1.30
CA GLU B 40 -26.61 15.17 -1.91
C GLU B 40 -25.46 16.15 -1.93
N LYS B 41 -24.77 16.27 -0.79
CA LYS B 41 -23.54 17.06 -0.69
C LYS B 41 -22.67 16.79 -1.91
N PHE B 42 -22.45 15.52 -2.21
CA PHE B 42 -21.56 15.10 -3.29
C PHE B 42 -22.13 15.24 -4.67
N GLU B 43 -23.45 15.10 -4.79
CA GLU B 43 -24.13 15.45 -6.04
C GLU B 43 -23.96 16.94 -6.41
N LYS B 44 -24.37 17.84 -5.49
CA LYS B 44 -24.20 19.28 -5.69
C LYS B 44 -22.73 19.55 -6.01
N GLU B 45 -21.83 19.17 -5.10
CA GLU B 45 -20.38 19.34 -5.28
C GLU B 45 -19.85 18.87 -6.66
N ALA B 46 -20.35 17.76 -7.18
CA ALA B 46 -19.89 17.28 -8.49
C ALA B 46 -20.35 18.21 -9.59
N ALA B 47 -21.57 18.73 -9.46
CA ALA B 47 -22.16 19.63 -10.47
C ALA B 47 -21.38 20.96 -10.66
N GLU B 48 -21.16 21.71 -9.56
CA GLU B 48 -20.11 22.74 -9.51
C GLU B 48 -18.86 22.38 -10.30
N MET B 49 -18.23 21.26 -9.93
CA MET B 49 -16.95 20.85 -10.52
C MET B 49 -17.00 20.62 -12.03
N GLY B 50 -18.05 19.95 -12.52
CA GLY B 50 -18.12 19.62 -13.94
C GLY B 50 -19.37 20.27 -14.48
N LYS B 51 -19.43 20.45 -15.80
CA LYS B 51 -20.70 20.84 -16.39
C LYS B 51 -21.54 19.59 -16.53
N GLY B 52 -22.72 19.60 -15.91
CA GLY B 52 -23.70 18.55 -16.15
C GLY B 52 -24.29 17.96 -14.89
N SER B 53 -24.98 16.85 -15.06
CA SER B 53 -25.58 16.16 -13.93
C SER B 53 -24.85 14.88 -13.59
N PHE B 54 -24.63 14.68 -12.30
CA PHE B 54 -23.77 13.59 -11.84
C PHE B 54 -24.43 12.62 -10.84
N LYS B 55 -25.76 12.69 -10.72
CA LYS B 55 -26.54 11.68 -10.00
C LYS B 55 -26.08 10.25 -10.39
N TYR B 56 -25.81 9.43 -9.37
CA TYR B 56 -25.12 8.12 -9.50
C TYR B 56 -23.63 8.22 -9.84
N ALA B 57 -23.32 8.65 -11.04
CA ALA B 57 -21.96 8.61 -11.59
C ALA B 57 -20.87 9.27 -10.70
N TRP B 58 -21.23 10.28 -9.94
CA TRP B 58 -20.23 10.91 -9.12
C TRP B 58 -19.52 9.92 -8.24
N VAL B 59 -20.24 8.88 -7.82
CA VAL B 59 -19.68 7.82 -7.00
C VAL B 59 -18.47 7.16 -7.67
N LEU B 60 -18.67 6.46 -8.77
CA LEU B 60 -17.51 5.90 -9.51
C LEU B 60 -16.44 6.91 -9.90
N ASP B 61 -16.82 8.16 -10.11
CA ASP B 61 -15.86 9.16 -10.59
C ASP B 61 -14.94 9.62 -9.46
N LYS B 62 -15.53 9.94 -8.32
CA LYS B 62 -14.78 10.13 -7.09
C LYS B 62 -13.85 8.94 -6.80
N LEU B 63 -14.39 7.72 -6.88
CA LEU B 63 -13.54 6.55 -6.66
C LEU B 63 -12.32 6.51 -7.56
N LYS B 64 -12.50 6.43 -8.89
CA LYS B 64 -11.35 6.44 -9.83
C LYS B 64 -10.31 7.49 -9.42
N ALA B 65 -10.78 8.66 -9.01
CA ALA B 65 -9.92 9.78 -8.78
C ALA B 65 -9.19 9.63 -7.46
N GLU B 66 -9.81 8.98 -6.51
CA GLU B 66 -9.17 8.67 -5.26
C GLU B 66 -8.26 7.40 -5.31
N ARG B 67 -8.13 6.81 -6.50
CA ARG B 67 -7.12 5.80 -6.75
C ARG B 67 -5.97 6.33 -7.58
N GLU B 68 -5.45 7.51 -7.22
CA GLU B 68 -4.42 8.19 -8.06
C GLU B 68 -3.12 8.48 -7.32
N ARG B 69 -2.01 8.33 -8.03
CA ARG B 69 -0.67 8.69 -7.54
C ARG B 69 -0.16 7.81 -6.38
N GLY B 70 -1.07 7.34 -5.53
CA GLY B 70 -0.78 6.23 -4.60
C GLY B 70 -1.12 6.50 -3.13
N ILE B 71 -2.14 7.32 -2.89
CA ILE B 71 -2.76 7.38 -1.55
C ILE B 71 -4.24 7.11 -1.56
N THR B 72 -4.63 6.11 -0.80
CA THR B 72 -5.95 6.04 -0.23
C THR B 72 -6.02 6.91 1.02
N ILE B 73 -7.02 7.78 1.12
CA ILE B 73 -7.26 8.46 2.40
C ILE B 73 -8.53 7.96 3.05
N ASP B 74 -9.49 7.57 2.23
CA ASP B 74 -10.73 7.03 2.75
C ASP B 74 -11.47 6.26 1.69
N ILE B 75 -12.09 5.18 2.09
CA ILE B 75 -12.80 4.38 1.15
C ILE B 75 -14.13 3.97 1.72
N SER B 76 -14.57 4.65 2.79
CA SER B 76 -15.80 4.24 3.49
C SER B 76 -17.07 4.41 2.65
N LEU B 77 -17.03 5.34 1.70
CA LEU B 77 -18.17 5.52 0.79
C LEU B 77 -18.38 4.34 -0.15
N TRP B 78 -17.33 3.56 -0.41
CA TRP B 78 -17.40 2.57 -1.48
C TRP B 78 -17.71 1.20 -1.00
N LYS B 79 -18.05 1.12 0.28
CA LYS B 79 -18.30 -0.14 0.99
C LYS B 79 -19.80 -0.29 1.19
N PHE B 80 -20.35 -1.37 0.67
CA PHE B 80 -21.75 -1.65 0.91
C PHE B 80 -22.00 -3.12 1.31
N GLU B 81 -23.17 -3.36 1.90
CA GLU B 81 -23.50 -4.68 2.44
C GLU B 81 -24.54 -5.42 1.60
N THR B 82 -24.23 -6.65 1.21
CA THR B 82 -25.25 -7.52 0.65
C THR B 82 -25.64 -8.51 1.72
N THR B 83 -26.48 -9.47 1.39
CA THR B 83 -26.92 -10.41 2.43
C THR B 83 -25.73 -11.25 2.87
N LYS B 84 -24.91 -11.66 1.90
CA LYS B 84 -23.79 -12.54 2.18
C LYS B 84 -22.42 -11.82 2.42
N TYR B 85 -22.20 -10.61 1.86
CA TYR B 85 -20.86 -9.96 1.92
C TYR B 85 -20.87 -8.55 2.34
N TYR B 86 -19.73 -8.08 2.83
CA TYR B 86 -19.41 -6.67 2.66
C TYR B 86 -18.60 -6.50 1.37
N ILE B 87 -19.21 -5.84 0.38
CA ILE B 87 -18.55 -5.56 -0.89
C ILE B 87 -17.95 -4.16 -0.96
N THR B 88 -16.77 -4.07 -1.58
CA THR B 88 -16.11 -2.77 -1.78
C THR B 88 -15.74 -2.57 -3.24
N ILE B 89 -16.09 -1.38 -3.77
CA ILE B 89 -15.67 -1.06 -5.14
C ILE B 89 -14.25 -0.51 -5.11
N ILE B 90 -13.42 -1.12 -5.93
CA ILE B 90 -11.99 -0.93 -5.85
C ILE B 90 -11.50 0.07 -6.89
N ASP B 91 -12.03 -0.02 -8.10
CA ASP B 91 -11.48 0.66 -9.25
C ASP B 91 -12.27 0.36 -10.55
N ALA B 92 -12.17 1.28 -11.51
CA ALA B 92 -12.67 1.05 -12.84
C ALA B 92 -11.74 1.72 -13.85
N PRO B 93 -11.74 1.24 -15.10
CA PRO B 93 -10.95 1.88 -16.14
C PRO B 93 -11.36 3.34 -16.41
N GLY B 94 -10.42 4.13 -16.94
CA GLY B 94 -10.66 5.55 -17.25
C GLY B 94 -9.96 6.56 -16.36
N HIS B 95 -8.68 6.32 -16.04
CA HIS B 95 -7.84 7.27 -15.29
C HIS B 95 -6.37 6.87 -15.34
N ARG B 96 -5.47 7.83 -15.05
CA ARG B 96 -4.05 7.67 -15.35
C ARG B 96 -3.57 6.29 -14.87
N ASP B 97 -3.92 5.94 -13.64
CA ASP B 97 -3.28 4.83 -12.94
C ASP B 97 -3.98 3.49 -13.03
N PHE B 98 -5.01 3.37 -13.83
CA PHE B 98 -5.87 2.22 -13.77
C PHE B 98 -5.07 0.95 -13.96
N ILE B 99 -4.44 0.80 -15.12
CA ILE B 99 -3.69 -0.40 -15.42
C ILE B 99 -2.64 -0.68 -14.32
N LYS B 100 -1.98 0.39 -13.87
CA LYS B 100 -0.89 0.27 -12.90
C LYS B 100 -1.41 -0.18 -11.57
N ASN B 101 -2.53 0.37 -11.12
CA ASN B 101 -3.15 -0.10 -9.89
C ASN B 101 -3.49 -1.58 -9.99
N MET B 102 -3.87 -2.02 -11.20
CA MET B 102 -4.31 -3.38 -11.38
C MET B 102 -3.13 -4.27 -11.32
N ILE B 103 -2.07 -3.84 -11.97
CA ILE B 103 -0.87 -4.62 -12.12
C ILE B 103 -0.02 -4.67 -10.85
N THR B 104 -0.04 -3.62 -10.04
CA THR B 104 0.80 -3.56 -8.84
C THR B 104 0.04 -4.14 -7.69
N GLY B 105 -1.19 -4.55 -7.96
CA GLY B 105 -2.06 -5.05 -6.91
C GLY B 105 -2.48 -4.04 -5.85
N THR B 106 -2.14 -2.77 -6.07
CA THR B 106 -2.63 -1.68 -5.15
C THR B 106 -4.18 -1.61 -5.13
N SER B 107 -4.77 -1.88 -6.30
CA SER B 107 -6.20 -2.22 -6.45
C SER B 107 -6.31 -3.73 -6.77
N GLN B 108 -6.77 -4.52 -5.80
CA GLN B 108 -6.92 -5.99 -5.93
C GLN B 108 -8.42 -6.43 -5.87
N ALA B 109 -8.85 -7.30 -6.80
CA ALA B 109 -10.31 -7.61 -6.94
C ALA B 109 -10.66 -9.07 -6.86
N ASP B 110 -11.77 -9.40 -6.20
CA ASP B 110 -12.23 -10.79 -6.16
C ASP B 110 -13.19 -11.08 -7.23
N CYS B 111 -13.86 -10.03 -7.69
CA CYS B 111 -14.71 -10.14 -8.85
C CYS B 111 -14.67 -8.91 -9.78
N ALA B 112 -14.84 -9.18 -11.06
CA ALA B 112 -15.03 -8.14 -12.06
C ALA B 112 -16.48 -8.12 -12.56
N VAL B 113 -17.20 -7.06 -12.23
CA VAL B 113 -18.48 -6.75 -12.94
C VAL B 113 -18.20 -6.07 -14.30
N LEU B 114 -18.41 -6.83 -15.36
CA LEU B 114 -18.21 -6.32 -16.70
C LEU B 114 -19.54 -5.76 -17.20
N ILE B 115 -19.66 -4.42 -17.22
CA ILE B 115 -20.81 -3.74 -17.86
C ILE B 115 -20.74 -3.72 -19.38
N VAL B 116 -21.80 -4.23 -20.01
CA VAL B 116 -21.95 -4.26 -21.46
C VAL B 116 -23.28 -3.59 -21.93
N ALA B 117 -23.21 -2.67 -22.91
CA ALA B 117 -24.37 -1.77 -23.23
C ALA B 117 -25.19 -2.31 -24.33
N ALA B 118 -26.50 -2.31 -24.13
CA ALA B 118 -27.41 -3.04 -25.01
C ALA B 118 -28.02 -2.14 -26.14
N GLY B 119 -27.98 -0.81 -25.92
CA GLY B 119 -28.42 0.21 -26.90
C GLY B 119 -27.96 -0.04 -28.32
N VAL B 120 -28.68 0.53 -29.30
CA VAL B 120 -28.38 0.22 -30.69
C VAL B 120 -26.96 0.66 -31.06
N GLY B 121 -26.23 -0.23 -31.74
CA GLY B 121 -24.83 0.03 -32.07
C GLY B 121 -23.83 0.07 -30.91
N GLU B 122 -24.31 0.14 -29.66
CA GLU B 122 -23.45 0.30 -28.47
C GLU B 122 -22.63 -0.97 -28.14
N PHE B 123 -23.29 -2.10 -28.18
CA PHE B 123 -22.69 -3.32 -27.88
C PHE B 123 -21.65 -3.57 -28.94
N GLU B 124 -22.02 -3.23 -30.18
CA GLU B 124 -21.21 -3.54 -31.36
C GLU B 124 -19.89 -2.76 -31.35
N ALA B 125 -19.92 -1.58 -30.72
CA ALA B 125 -18.75 -0.72 -30.63
C ALA B 125 -17.79 -1.29 -29.59
N GLY B 126 -18.30 -1.56 -28.38
CA GLY B 126 -17.50 -2.20 -27.32
C GLY B 126 -16.76 -3.45 -27.78
N ILE B 127 -17.41 -4.26 -28.63
CA ILE B 127 -16.85 -5.53 -29.07
C ILE B 127 -16.03 -5.46 -30.40
N SER B 128 -15.80 -4.25 -30.87
CA SER B 128 -15.13 -4.07 -32.15
C SER B 128 -13.66 -3.80 -31.95
N LYS B 129 -12.93 -3.65 -33.06
CA LYS B 129 -11.50 -3.27 -33.02
C LYS B 129 -11.18 -1.95 -32.28
N ASN B 130 -12.17 -1.07 -32.12
CA ASN B 130 -11.96 0.17 -31.36
C ASN B 130 -12.51 0.13 -29.93
N GLY B 131 -13.00 -1.04 -29.54
CA GLY B 131 -13.68 -1.18 -28.27
C GLY B 131 -12.90 -1.83 -27.15
N GLN B 132 -13.38 -1.62 -25.94
CA GLN B 132 -12.66 -2.00 -24.78
C GLN B 132 -13.22 -3.27 -24.05
N THR B 133 -14.34 -3.81 -24.56
CA THR B 133 -15.03 -4.92 -23.88
C THR B 133 -14.13 -6.18 -23.80
N ARG B 134 -13.67 -6.64 -24.96
CA ARG B 134 -12.68 -7.71 -24.99
C ARG B 134 -11.41 -7.44 -24.15
N GLU B 135 -10.82 -6.26 -24.29
CA GLU B 135 -9.59 -5.94 -23.55
C GLU B 135 -9.83 -6.10 -22.08
N HIS B 136 -11.00 -5.63 -21.65
CA HIS B 136 -11.33 -5.53 -20.25
C HIS B 136 -11.50 -6.91 -19.67
N ALA B 137 -12.23 -7.75 -20.40
CA ALA B 137 -12.41 -9.10 -20.03
C ALA B 137 -11.03 -9.79 -19.97
N LEU B 138 -10.28 -9.67 -21.05
CA LEU B 138 -8.95 -10.23 -21.11
C LEU B 138 -8.11 -9.79 -19.94
N LEU B 139 -8.21 -8.53 -19.54
CA LEU B 139 -7.33 -8.01 -18.48
C LEU B 139 -7.67 -8.67 -17.17
N ALA B 140 -8.96 -8.76 -16.87
CA ALA B 140 -9.42 -9.37 -15.64
C ALA B 140 -8.90 -10.83 -15.55
N TYR B 141 -8.99 -11.55 -16.65
CA TYR B 141 -8.63 -12.92 -16.66
C TYR B 141 -7.13 -13.03 -16.32
N THR B 142 -6.33 -12.20 -16.97
CA THR B 142 -4.90 -12.15 -16.78
C THR B 142 -4.48 -11.92 -15.34
N LEU B 143 -5.23 -11.09 -14.65
CA LEU B 143 -5.00 -10.76 -13.28
C LEU B 143 -5.65 -11.83 -12.42
N GLY B 144 -6.08 -12.91 -13.05
CA GLY B 144 -6.69 -14.05 -12.35
C GLY B 144 -7.89 -13.73 -11.50
N VAL B 145 -8.67 -12.75 -11.92
CA VAL B 145 -9.96 -12.51 -11.35
C VAL B 145 -10.90 -13.50 -11.98
N LYS B 146 -11.16 -14.62 -11.30
CA LYS B 146 -11.88 -15.75 -11.94
C LYS B 146 -13.42 -15.71 -11.78
N GLN B 147 -13.88 -14.88 -10.88
CA GLN B 147 -15.26 -14.50 -10.80
C GLN B 147 -15.60 -13.25 -11.73
N LEU B 148 -16.40 -13.52 -12.73
CA LEU B 148 -16.88 -12.48 -13.62
C LEU B 148 -18.42 -12.43 -13.60
N ILE B 149 -18.99 -11.30 -13.26
CA ILE B 149 -20.44 -11.07 -13.56
C ILE B 149 -20.62 -10.13 -14.78
N VAL B 150 -21.49 -10.51 -15.71
CA VAL B 150 -21.80 -9.60 -16.79
C VAL B 150 -23.11 -8.86 -16.62
N GLY B 151 -23.02 -7.57 -16.32
CA GLY B 151 -24.22 -6.68 -16.36
C GLY B 151 -24.55 -6.17 -17.78
N VAL B 152 -25.53 -6.79 -18.44
CA VAL B 152 -26.09 -6.31 -19.72
C VAL B 152 -27.02 -5.07 -19.58
N ASN B 153 -26.43 -3.87 -19.75
CA ASN B 153 -26.98 -2.57 -19.21
C ASN B 153 -27.78 -1.79 -20.23
N LYS B 154 -28.43 -0.71 -19.81
CA LYS B 154 -29.26 0.10 -20.72
C LYS B 154 -30.27 -0.78 -21.48
N MET B 155 -30.98 -1.66 -20.76
CA MET B 155 -31.92 -2.55 -21.42
C MET B 155 -33.13 -1.72 -21.87
N ASP B 156 -33.36 -0.61 -21.17
CA ASP B 156 -34.48 0.30 -21.43
C ASP B 156 -34.44 0.87 -22.83
N SER B 157 -33.28 0.83 -23.45
CA SER B 157 -33.12 1.55 -24.68
C SER B 157 -32.79 0.66 -25.83
N THR B 158 -33.14 -0.62 -25.72
CA THR B 158 -33.03 -1.54 -26.87
C THR B 158 -34.17 -1.27 -27.84
N GLU B 159 -34.27 -2.09 -28.89
CA GLU B 159 -35.25 -1.90 -29.96
C GLU B 159 -36.01 -3.19 -30.29
N PRO B 160 -37.17 -3.45 -29.63
CA PRO B 160 -37.98 -2.69 -28.61
C PRO B 160 -37.33 -2.57 -27.24
N ALA B 161 -38.00 -1.89 -26.31
CA ALA B 161 -37.46 -1.76 -24.96
C ALA B 161 -37.39 -3.10 -24.26
N TYR B 162 -36.23 -3.42 -23.70
CA TYR B 162 -36.03 -4.64 -22.95
C TYR B 162 -36.13 -5.85 -23.84
N GLU B 164 -35.60 -9.25 -25.10
CA GLU B 164 -35.06 -10.57 -25.03
C GLU B 164 -34.12 -10.86 -26.18
N LYS B 165 -34.57 -10.64 -27.40
CA LYS B 165 -33.74 -11.01 -28.55
C LYS B 165 -32.35 -10.39 -28.45
N ARG B 166 -32.29 -9.16 -27.94
CA ARG B 166 -31.05 -8.38 -27.84
C ARG B 166 -30.20 -8.87 -26.68
N TYR B 167 -30.83 -9.08 -25.54
CA TYR B 167 -30.16 -9.74 -24.44
C TYR B 167 -29.54 -11.04 -24.91
N ASP B 168 -30.33 -11.92 -25.53
CA ASP B 168 -29.82 -13.22 -26.05
C ASP B 168 -28.64 -13.06 -26.96
N GLU B 169 -28.63 -11.99 -27.74
CA GLU B 169 -27.61 -11.80 -28.77
C GLU B 169 -26.29 -11.38 -28.09
N ILE B 170 -26.39 -10.57 -27.07
CA ILE B 170 -25.25 -10.15 -26.34
C ILE B 170 -24.68 -11.32 -25.49
N VAL B 171 -25.54 -11.95 -24.67
CA VAL B 171 -25.12 -13.12 -23.92
C VAL B 171 -24.40 -14.16 -24.77
N LYS B 172 -24.75 -14.24 -26.04
CA LYS B 172 -24.25 -15.32 -26.83
C LYS B 172 -22.85 -14.96 -27.32
N GLU B 173 -22.75 -13.81 -27.97
CA GLU B 173 -21.53 -13.29 -28.47
C GLU B 173 -20.51 -13.08 -27.32
N VAL B 174 -20.94 -12.45 -26.22
CA VAL B 174 -20.06 -12.27 -25.06
C VAL B 174 -19.63 -13.60 -24.42
N SER B 175 -20.53 -14.60 -24.41
CA SER B 175 -20.16 -15.92 -23.93
C SER B 175 -19.04 -16.50 -24.76
N ALA B 176 -19.14 -16.41 -26.08
CA ALA B 176 -18.10 -16.99 -26.96
C ALA B 176 -16.74 -16.31 -26.76
N TYR B 177 -16.74 -14.99 -26.56
CA TYR B 177 -15.47 -14.36 -26.36
C TYR B 177 -14.85 -14.84 -25.05
N ILE B 178 -15.56 -14.64 -23.94
CA ILE B 178 -15.02 -15.02 -22.64
C ILE B 178 -14.60 -16.50 -22.55
N LYS B 179 -15.22 -17.35 -23.36
CA LYS B 179 -14.72 -18.69 -23.56
C LYS B 179 -13.32 -18.74 -24.18
N LYS B 180 -13.17 -18.13 -25.36
CA LYS B 180 -11.91 -18.14 -26.12
C LYS B 180 -10.76 -17.76 -25.18
N ILE B 181 -10.97 -16.61 -24.53
CA ILE B 181 -10.17 -16.02 -23.48
C ILE B 181 -9.82 -16.94 -22.29
N GLY B 182 -10.64 -17.95 -22.01
CA GLY B 182 -10.34 -18.85 -20.91
C GLY B 182 -11.35 -18.98 -19.78
N TYR B 183 -12.24 -18.00 -19.59
CA TYR B 183 -13.35 -18.20 -18.67
C TYR B 183 -14.25 -19.30 -19.18
N ASN B 184 -14.97 -19.96 -18.28
CA ASN B 184 -16.05 -20.83 -18.69
C ASN B 184 -17.41 -20.15 -18.53
N PRO B 185 -18.10 -19.93 -19.66
CA PRO B 185 -19.31 -19.08 -19.74
C PRO B 185 -20.33 -19.50 -18.71
N ALA B 186 -20.50 -20.81 -18.54
CA ALA B 186 -21.52 -21.38 -17.65
C ALA B 186 -21.38 -20.96 -16.24
N THR B 187 -20.22 -20.44 -15.88
CA THR B 187 -19.99 -20.02 -14.50
C THR B 187 -20.34 -18.56 -14.29
N VAL B 188 -20.62 -17.84 -15.39
CA VAL B 188 -20.80 -16.35 -15.35
C VAL B 188 -22.28 -16.01 -15.39
N PRO B 189 -22.79 -15.29 -14.37
CA PRO B 189 -24.14 -14.73 -14.42
C PRO B 189 -24.26 -13.58 -15.45
N PHE B 190 -25.03 -13.81 -16.51
CA PHE B 190 -25.44 -12.74 -17.41
C PHE B 190 -26.75 -12.10 -16.97
N VAL B 191 -26.67 -10.89 -16.40
CA VAL B 191 -27.82 -10.20 -15.76
C VAL B 191 -28.26 -8.96 -16.57
N PRO B 192 -29.44 -8.99 -17.20
CA PRO B 192 -29.91 -7.75 -17.94
C PRO B 192 -30.42 -6.75 -16.99
N ILE B 193 -30.06 -5.48 -17.19
CA ILE B 193 -30.42 -4.43 -16.22
C ILE B 193 -30.54 -3.04 -16.88
N SER B 194 -31.03 -2.06 -16.12
CA SER B 194 -30.93 -0.68 -16.48
C SER B 194 -30.30 0.04 -15.30
N GLY B 195 -29.04 0.42 -15.46
CA GLY B 195 -28.39 1.13 -14.40
C GLY B 195 -29.13 2.43 -14.16
N TRP B 196 -29.84 2.88 -15.20
CA TRP B 196 -30.41 4.21 -15.13
C TRP B 196 -31.68 4.19 -14.36
N HIS B 197 -32.58 3.29 -14.73
CA HIS B 197 -33.85 3.20 -14.01
C HIS B 197 -33.82 2.38 -12.76
N GLY B 198 -32.89 1.40 -12.68
CA GLY B 198 -32.79 0.50 -11.54
C GLY B 198 -33.28 -0.92 -11.83
N ASP B 199 -33.83 -1.14 -13.01
CA ASP B 199 -34.44 -2.42 -13.28
C ASP B 199 -33.52 -3.56 -12.99
N ASN B 200 -33.96 -4.43 -12.08
CA ASN B 200 -33.32 -5.72 -11.88
C ASN B 200 -32.00 -5.66 -11.15
N MET B 201 -31.78 -4.59 -10.42
CA MET B 201 -30.59 -4.49 -9.65
C MET B 201 -30.81 -5.10 -8.29
N LEU B 202 -31.87 -4.67 -7.57
CA LEU B 202 -32.21 -5.30 -6.30
C LEU B 202 -33.33 -6.38 -6.32
N GLU B 203 -34.39 -6.14 -7.08
CA GLU B 203 -35.42 -7.16 -7.29
C GLU B 203 -35.71 -7.29 -8.76
N PRO B 204 -36.53 -8.28 -9.15
CA PRO B 204 -36.82 -8.36 -10.58
C PRO B 204 -37.58 -7.13 -11.06
N SER B 205 -37.64 -6.96 -12.37
CA SER B 205 -38.28 -5.81 -12.97
C SER B 205 -39.49 -6.24 -13.76
N PRO B 206 -40.64 -5.60 -13.46
CA PRO B 206 -41.93 -5.76 -14.18
C PRO B 206 -41.76 -5.60 -15.67
N ASN B 207 -40.77 -4.77 -16.06
CA ASN B 207 -40.40 -4.58 -17.47
C ASN B 207 -39.80 -5.76 -18.15
N MET B 208 -39.41 -6.77 -17.39
CA MET B 208 -38.69 -7.91 -17.96
C MET B 208 -39.27 -9.26 -17.55
N PRO B 209 -40.57 -9.46 -17.84
CA PRO B 209 -41.26 -10.67 -17.44
C PRO B 209 -40.75 -11.92 -18.19
N TRP B 210 -40.12 -11.73 -19.34
CA TRP B 210 -39.62 -12.85 -20.14
C TRP B 210 -38.39 -13.44 -19.49
N PHE B 211 -37.83 -12.72 -18.53
CA PHE B 211 -36.58 -13.13 -17.93
C PHE B 211 -36.83 -13.85 -16.63
N LYS B 212 -36.66 -15.17 -16.69
CA LYS B 212 -36.94 -16.03 -15.56
C LYS B 212 -35.77 -16.02 -14.60
N GLY B 213 -34.55 -15.86 -15.14
CA GLY B 213 -33.35 -15.59 -14.31
C GLY B 213 -32.07 -16.07 -14.98
N TRP B 214 -30.96 -15.97 -14.26
CA TRP B 214 -29.67 -16.57 -14.72
C TRP B 214 -29.25 -17.85 -13.91
N LYS B 215 -28.62 -18.81 -14.60
CA LYS B 215 -28.06 -19.99 -13.92
C LYS B 215 -26.53 -20.06 -14.08
N VAL B 216 -25.80 -19.99 -12.95
CA VAL B 216 -24.41 -20.49 -12.93
C VAL B 216 -24.29 -21.98 -12.60
N GLU B 217 -23.41 -22.64 -13.33
CA GLU B 217 -22.93 -23.98 -13.02
C GLU B 217 -21.42 -23.91 -12.83
N ARG B 218 -20.98 -23.96 -11.59
CA ARG B 218 -19.55 -24.15 -11.29
C ARG B 218 -19.16 -25.54 -10.69
N LYS B 219 -17.86 -25.84 -10.72
CA LYS B 219 -17.25 -26.92 -9.91
C LYS B 219 -17.88 -27.00 -8.49
N GLU B 220 -17.97 -25.86 -7.83
CA GLU B 220 -18.41 -25.78 -6.42
C GLU B 220 -19.92 -25.89 -6.26
N GLY B 221 -20.63 -26.13 -7.37
CA GLY B 221 -22.11 -26.25 -7.35
C GLY B 221 -22.96 -25.09 -7.92
N ASN B 222 -24.14 -25.42 -8.42
CA ASN B 222 -25.02 -24.52 -9.11
C ASN B 222 -25.68 -23.43 -8.30
N ALA B 223 -25.91 -22.30 -8.94
CA ALA B 223 -26.64 -21.20 -8.27
C ALA B 223 -27.48 -20.41 -9.25
N SER B 224 -28.52 -19.78 -8.76
CA SER B 224 -29.37 -19.06 -9.68
C SER B 224 -30.08 -17.90 -9.04
N GLY B 225 -30.43 -16.91 -9.84
CA GLY B 225 -31.11 -15.74 -9.30
C GLY B 225 -31.66 -14.89 -10.41
N VAL B 226 -32.21 -13.75 -10.02
CA VAL B 226 -32.71 -12.81 -11.02
C VAL B 226 -31.91 -11.50 -11.04
N SER B 227 -31.96 -10.77 -9.94
CA SER B 227 -31.32 -9.48 -9.82
C SER B 227 -29.80 -9.56 -9.84
N LEU B 228 -29.19 -8.37 -9.82
CA LEU B 228 -27.76 -8.21 -9.87
C LEU B 228 -27.22 -8.44 -8.47
N LEU B 229 -27.98 -8.00 -7.46
CA LEU B 229 -27.70 -8.31 -6.06
C LEU B 229 -27.55 -9.82 -5.83
N GLU B 230 -28.40 -10.60 -6.47
CA GLU B 230 -28.26 -12.01 -6.31
C GLU B 230 -27.04 -12.54 -7.00
N ALA B 231 -26.61 -11.89 -8.07
CA ALA B 231 -25.39 -12.36 -8.72
C ALA B 231 -24.23 -12.07 -7.79
N LEU B 232 -24.31 -10.92 -7.13
CA LEU B 232 -23.24 -10.46 -6.29
C LEU B 232 -23.04 -11.46 -5.16
N ASP B 233 -24.11 -12.12 -4.78
CA ASP B 233 -24.04 -12.99 -3.64
C ASP B 233 -23.72 -14.45 -4.01
N THR B 234 -23.65 -14.75 -5.30
CA THR B 234 -23.08 -16.02 -5.70
C THR B 234 -21.57 -15.95 -5.98
N ILE B 235 -20.92 -14.86 -5.60
CA ILE B 235 -19.45 -14.83 -5.78
C ILE B 235 -18.76 -15.83 -4.87
N LEU B 236 -17.97 -16.74 -5.45
CA LEU B 236 -17.03 -17.63 -4.66
C LEU B 236 -15.86 -16.87 -4.14
N PRO B 237 -15.48 -17.13 -2.89
CA PRO B 237 -14.27 -16.46 -2.37
C PRO B 237 -13.00 -17.13 -3.00
N PRO B 238 -11.80 -16.58 -2.74
CA PRO B 238 -10.58 -17.33 -3.21
C PRO B 238 -10.40 -18.52 -2.22
N ARG B 240 -7.83 -19.66 -1.48
CA ARG B 240 -6.99 -19.90 -0.26
C ARG B 240 -5.60 -20.62 -0.50
N PRO B 241 -4.49 -19.88 -0.32
CA PRO B 241 -3.14 -20.39 -0.64
C PRO B 241 -2.88 -21.82 -0.10
N THR B 242 -3.16 -22.01 1.20
CA THR B 242 -3.00 -23.30 1.89
C THR B 242 -3.41 -24.52 1.06
N ASP B 243 -4.32 -24.33 0.10
CA ASP B 243 -4.92 -25.47 -0.63
C ASP B 243 -4.31 -25.68 -2.00
N LYS B 244 -3.42 -24.75 -2.37
CA LYS B 244 -2.75 -24.84 -3.66
C LYS B 244 -1.47 -25.63 -3.48
N PRO B 245 -0.98 -26.22 -4.55
CA PRO B 245 0.33 -26.85 -4.45
C PRO B 245 1.42 -25.96 -3.81
N LEU B 246 2.44 -26.62 -3.28
CA LEU B 246 3.54 -25.96 -2.60
C LEU B 246 4.31 -25.07 -3.57
N ARG B 247 4.60 -23.85 -3.13
CA ARG B 247 5.56 -22.97 -3.78
C ARG B 247 6.25 -22.18 -2.70
N LEU B 248 7.57 -22.22 -2.72
CA LEU B 248 8.36 -21.64 -1.66
C LEU B 248 9.65 -21.08 -2.29
N PRO B 249 9.66 -19.78 -2.59
CA PRO B 249 10.85 -19.29 -3.28
C PRO B 249 12.02 -19.16 -2.29
N LEU B 250 13.20 -19.44 -2.76
CA LEU B 250 14.33 -19.46 -1.91
C LEU B 250 14.92 -18.07 -1.70
N GLN B 251 14.82 -17.58 -0.47
CA GLN B 251 15.57 -16.38 -0.01
C GLN B 251 17.07 -16.52 0.15
N ASP B 252 17.50 -17.62 0.78
CA ASP B 252 18.93 -17.96 1.00
C ASP B 252 19.13 -19.47 1.09
N VAL B 253 20.39 -19.88 1.08
CA VAL B 253 20.75 -21.24 1.33
C VAL B 253 21.99 -21.25 2.20
N TYR B 254 21.83 -21.67 3.44
CA TYR B 254 22.95 -21.76 4.35
C TYR B 254 23.54 -23.22 4.40
N LYS B 255 24.80 -23.34 4.82
CA LYS B 255 25.41 -24.60 5.21
C LYS B 255 25.60 -24.53 6.70
N ILE B 256 24.68 -25.11 7.46
CA ILE B 256 24.81 -25.13 8.90
C ILE B 256 25.64 -26.35 9.31
N GLY B 257 26.58 -26.16 10.22
CA GLY B 257 27.51 -27.21 10.63
C GLY B 257 26.81 -28.36 11.35
N GLY B 258 27.26 -29.59 11.02
CA GLY B 258 26.62 -30.81 11.50
C GLY B 258 25.10 -30.80 11.42
N ILE B 259 24.59 -30.36 10.27
CA ILE B 259 23.16 -30.40 9.93
C ILE B 259 23.07 -30.48 8.43
N GLY B 260 23.91 -29.70 7.75
CA GLY B 260 23.95 -29.67 6.27
C GLY B 260 23.22 -28.46 5.64
N THR B 261 22.88 -28.60 4.36
CA THR B 261 22.21 -27.56 3.58
C THR B 261 20.86 -27.13 4.18
N VAL B 262 20.69 -25.84 4.39
CA VAL B 262 19.44 -25.36 4.94
C VAL B 262 18.94 -24.22 4.08
N PRO B 263 18.01 -24.50 3.16
CA PRO B 263 17.39 -23.35 2.46
C PRO B 263 16.43 -22.60 3.35
N VAL B 264 16.28 -21.30 3.10
CA VAL B 264 15.32 -20.44 3.81
C VAL B 264 14.39 -19.77 2.80
N GLY B 265 13.11 -19.60 3.18
CA GLY B 265 12.13 -18.96 2.34
C GLY B 265 10.73 -18.85 2.98
N ARG B 266 9.86 -18.10 2.31
CA ARG B 266 8.48 -17.90 2.75
C ARG B 266 7.59 -18.93 2.01
N VAL B 267 6.76 -19.69 2.72
CA VAL B 267 5.81 -20.58 2.00
C VAL B 267 4.78 -19.65 1.37
N GLU B 268 4.74 -19.62 0.05
CA GLU B 268 3.80 -18.73 -0.61
C GLU B 268 2.44 -19.41 -0.75
N THR B 269 2.45 -20.65 -1.22
CA THR B 269 1.25 -21.47 -1.26
C THR B 269 1.58 -22.91 -0.86
N GLY B 270 0.58 -23.66 -0.38
CA GLY B 270 0.79 -25.07 0.01
C GLY B 270 1.24 -25.25 1.46
N ILE B 271 1.51 -26.50 1.83
CA ILE B 271 2.14 -26.82 3.13
C ILE B 271 3.49 -27.44 2.82
N LEU B 272 4.52 -27.01 3.57
CA LEU B 272 5.81 -27.75 3.60
C LEU B 272 5.88 -28.52 4.90
N ARG B 273 6.13 -29.83 4.80
CA ARG B 273 6.43 -30.59 6.02
C ARG B 273 7.54 -31.63 5.88
N PRO B 274 8.23 -31.92 7.00
CA PRO B 274 9.34 -32.87 7.11
C PRO B 274 8.87 -34.21 6.63
N GLY B 275 9.55 -34.80 5.70
CA GLY B 275 8.93 -35.93 5.04
C GLY B 275 8.71 -35.71 3.56
N MET B 276 8.28 -34.50 3.17
CA MET B 276 7.92 -34.26 1.78
C MET B 276 9.12 -34.49 0.92
N VAL B 277 8.91 -35.10 -0.24
CA VAL B 277 9.95 -35.04 -1.22
C VAL B 277 9.65 -33.95 -2.21
N VAL B 278 10.54 -32.95 -2.19
CA VAL B 278 10.34 -31.68 -2.84
C VAL B 278 11.20 -31.58 -4.05
N THR B 279 10.88 -30.63 -4.91
CA THR B 279 11.68 -30.36 -6.11
C THR B 279 12.09 -28.88 -6.16
N PHE B 280 13.29 -28.62 -6.64
CA PHE B 280 13.76 -27.26 -6.81
C PHE B 280 13.82 -27.00 -8.28
N ALA B 281 13.12 -25.95 -8.71
CA ALA B 281 13.25 -25.41 -10.06
C ALA B 281 14.05 -24.15 -9.98
N PRO B 282 14.69 -23.76 -11.09
CA PRO B 282 14.85 -24.46 -12.34
C PRO B 282 16.04 -25.42 -12.34
N VAL B 283 16.68 -25.64 -11.19
CA VAL B 283 17.82 -26.59 -11.10
C VAL B 283 17.41 -28.07 -11.26
N ASN B 284 16.12 -28.35 -11.10
CA ASN B 284 15.58 -29.70 -11.19
C ASN B 284 16.31 -30.73 -10.34
N ILE B 285 15.99 -30.74 -9.05
CA ILE B 285 16.67 -31.55 -8.06
C ILE B 285 15.63 -31.87 -7.03
N THR B 286 15.48 -33.16 -6.74
CA THR B 286 14.40 -33.65 -5.89
C THR B 286 14.99 -34.33 -4.70
N THR B 287 14.40 -34.13 -3.55
CA THR B 287 15.02 -34.64 -2.37
C THR B 287 14.05 -34.53 -1.26
N GLU B 288 14.47 -34.90 -0.08
CA GLU B 288 13.54 -35.11 0.99
C GLU B 288 13.86 -34.12 2.11
N VAL B 289 12.82 -33.52 2.67
CA VAL B 289 13.02 -32.61 3.76
C VAL B 289 13.21 -33.35 5.09
N LYS B 290 14.45 -33.36 5.56
CA LYS B 290 14.81 -33.83 6.86
C LYS B 290 14.07 -33.11 7.95
N SER B 291 13.86 -31.80 7.79
CA SER B 291 13.23 -31.01 8.88
C SER B 291 12.86 -29.59 8.50
N VAL B 292 12.04 -28.97 9.34
CA VAL B 292 11.55 -27.63 9.12
C VAL B 292 11.62 -26.84 10.43
N GLU B 293 12.30 -25.68 10.39
CA GLU B 293 12.50 -24.83 11.56
C GLU B 293 11.88 -23.44 11.36
N MET B 294 11.34 -22.88 12.45
CA MET B 294 10.85 -21.51 12.48
C MET B 294 10.96 -20.97 13.90
N HIS B 295 11.61 -19.84 14.07
CA HIS B 295 11.92 -19.31 15.41
C HIS B 295 12.67 -20.36 16.21
N HIS B 296 13.66 -20.98 15.58
CA HIS B 296 14.52 -21.99 16.24
C HIS B 296 13.72 -23.05 16.97
N GLU B 297 12.75 -23.61 16.24
CA GLU B 297 11.83 -24.59 16.79
C GLU B 297 11.29 -25.46 15.67
N ALA B 298 11.37 -26.77 15.84
CA ALA B 298 10.92 -27.65 14.81
C ALA B 298 9.44 -27.37 14.51
N LEU B 299 9.06 -27.48 13.24
CA LEU B 299 7.66 -27.39 12.83
C LEU B 299 7.28 -28.71 12.16
N SER B 300 6.04 -29.15 12.32
CA SER B 300 5.57 -30.28 11.52
C SER B 300 4.95 -29.79 10.22
N GLU B 301 4.46 -28.55 10.25
CA GLU B 301 3.84 -27.93 9.09
C GLU B 301 4.34 -26.51 8.95
N ALA B 302 4.76 -26.15 7.74
CA ALA B 302 5.02 -24.74 7.40
C ALA B 302 3.92 -24.31 6.49
N LEU B 303 3.20 -23.28 6.92
CA LEU B 303 2.02 -22.77 6.19
C LEU B 303 2.33 -21.48 5.42
N PRO B 304 1.40 -21.04 4.54
CA PRO B 304 1.56 -19.81 3.74
C PRO B 304 1.81 -18.57 4.60
N GLY B 305 2.89 -17.87 4.33
CA GLY B 305 3.25 -16.77 5.14
C GLY B 305 4.31 -17.10 6.13
N ASP B 306 4.61 -18.38 6.30
CA ASP B 306 5.68 -18.79 7.22
C ASP B 306 7.04 -18.67 6.58
N ASN B 307 7.96 -18.06 7.31
CA ASN B 307 9.37 -18.04 6.90
C ASN B 307 10.14 -19.13 7.59
N VAL B 308 10.72 -20.02 6.82
CA VAL B 308 11.22 -21.19 7.43
C VAL B 308 12.56 -21.57 6.92
N GLY B 309 13.35 -22.17 7.81
CA GLY B 309 14.50 -23.01 7.41
C GLY B 309 14.05 -24.44 7.24
N PHE B 310 14.60 -25.11 6.24
CA PHE B 310 14.37 -26.54 6.14
C PHE B 310 15.60 -27.23 5.68
N ASN B 311 15.98 -28.26 6.42
CA ASN B 311 17.17 -29.05 6.14
C ASN B 311 16.79 -30.07 5.05
N VAL B 312 17.61 -30.22 4.02
CA VAL B 312 17.32 -31.20 2.97
C VAL B 312 18.48 -32.14 2.76
N LYS B 313 18.19 -33.43 2.60
CA LYS B 313 19.29 -34.38 2.51
C LYS B 313 19.92 -34.36 1.13
N ASN B 314 21.23 -34.60 1.08
CA ASN B 314 21.93 -34.91 -0.18
C ASN B 314 22.01 -33.79 -1.19
N VAL B 315 21.80 -32.55 -0.77
CA VAL B 315 21.96 -31.45 -1.69
C VAL B 315 23.09 -30.53 -1.22
N SER B 316 23.94 -30.13 -2.15
CA SER B 316 24.99 -29.15 -1.80
C SER B 316 24.49 -27.68 -1.88
N VAL B 317 24.93 -26.87 -0.94
CA VAL B 317 24.79 -25.40 -1.02
C VAL B 317 25.06 -24.81 -2.41
N LYS B 318 25.86 -25.51 -3.20
CA LYS B 318 26.19 -25.05 -4.55
C LYS B 318 25.15 -25.49 -5.56
N ASP B 319 24.29 -26.40 -5.15
CA ASP B 319 23.27 -26.98 -6.06
C ASP B 319 21.98 -26.14 -6.17
N ILE B 320 21.65 -25.43 -5.09
CA ILE B 320 20.48 -24.55 -5.00
C ILE B 320 20.88 -23.18 -4.41
N ARG B 321 20.16 -22.12 -4.79
CA ARG B 321 20.53 -20.72 -4.50
C ARG B 321 19.27 -19.86 -4.36
N ARG B 322 19.45 -18.65 -3.82
CA ARG B 322 18.39 -17.62 -3.77
C ARG B 322 17.74 -17.48 -5.14
N GLY B 323 16.40 -17.37 -5.16
CA GLY B 323 15.66 -17.29 -6.40
C GLY B 323 15.19 -18.60 -7.01
N ASN B 324 15.78 -19.71 -6.61
CA ASN B 324 15.21 -21.02 -6.98
C ASN B 324 13.92 -21.14 -6.27
N VAL B 325 13.09 -22.02 -6.76
CA VAL B 325 11.79 -22.20 -6.21
C VAL B 325 11.63 -23.67 -5.81
N CYS B 326 11.23 -23.88 -4.58
CA CYS B 326 10.92 -25.17 -4.07
C CYS B 326 9.42 -25.45 -4.16
N GLY B 327 9.07 -26.62 -4.69
CA GLY B 327 7.74 -27.16 -4.47
C GLY B 327 7.66 -28.67 -4.26
N ASP B 328 6.42 -29.18 -4.28
CA ASP B 328 6.12 -30.59 -4.10
C ASP B 328 6.36 -31.40 -5.37
N SER B 329 7.06 -32.52 -5.24
CA SER B 329 7.44 -33.34 -6.42
C SER B 329 6.28 -34.15 -6.96
N LYS B 330 5.22 -34.26 -6.16
CA LYS B 330 4.10 -35.08 -6.53
C LYS B 330 2.80 -34.24 -6.47
N SER B 331 2.80 -33.09 -7.15
CA SER B 331 1.73 -32.05 -7.03
C SER B 331 2.14 -30.74 -7.73
N ASP B 332 2.00 -30.72 -9.06
CA ASP B 332 2.42 -29.56 -9.85
C ASP B 332 3.83 -29.09 -9.40
N PRO B 333 4.82 -29.97 -9.52
CA PRO B 333 6.20 -29.57 -9.24
C PRO B 333 6.63 -28.37 -10.14
N PRO B 334 7.39 -27.41 -9.57
CA PRO B 334 7.81 -26.23 -10.30
C PRO B 334 8.74 -26.60 -11.41
N GLN B 335 8.85 -25.72 -12.41
CA GLN B 335 9.68 -25.98 -13.57
C GLN B 335 10.40 -24.76 -14.08
N GLU B 336 11.37 -24.98 -14.96
CA GLU B 336 12.06 -23.88 -15.59
C GLU B 336 11.14 -23.23 -16.62
N ALA B 337 11.14 -21.90 -16.66
CA ALA B 337 10.37 -21.15 -17.64
C ALA B 337 11.18 -20.98 -18.92
N ALA B 338 10.87 -21.74 -19.97
CA ALA B 338 11.53 -21.51 -21.28
C ALA B 338 11.29 -20.09 -21.75
N GLN B 339 10.06 -19.61 -21.52
CA GLN B 339 9.71 -18.20 -21.74
C GLN B 339 8.32 -17.92 -21.20
N PHE B 340 7.96 -16.64 -21.14
CA PHE B 340 6.68 -16.26 -20.58
C PHE B 340 6.11 -15.02 -21.21
N THR B 341 4.80 -14.92 -21.19
CA THR B 341 4.12 -13.79 -21.80
C THR B 341 3.60 -13.02 -20.65
N SER B 342 3.71 -11.69 -20.71
CA SER B 342 3.20 -10.90 -19.63
C SER B 342 2.58 -9.58 -20.04
N GLN B 343 1.94 -8.91 -19.09
CA GLN B 343 1.43 -7.61 -19.32
C GLN B 343 2.14 -6.65 -18.44
N VAL B 344 2.73 -5.62 -19.05
CA VAL B 344 3.59 -4.71 -18.31
C VAL B 344 3.10 -3.29 -18.53
N ILE B 345 3.33 -2.43 -17.57
CA ILE B 345 3.24 -1.03 -17.79
C ILE B 345 4.62 -0.40 -17.60
N ILE B 346 5.15 0.18 -18.66
CA ILE B 346 6.40 0.95 -18.64
C ILE B 346 6.29 2.29 -17.87
N LEU B 347 6.92 2.38 -16.69
CA LEU B 347 7.03 3.65 -15.96
C LEU B 347 8.23 4.45 -16.44
N ASN B 348 8.30 5.69 -16.01
CA ASN B 348 9.47 6.54 -16.34
C ASN B 348 10.76 5.73 -16.70
N HIS B 349 11.01 5.63 -18.02
CA HIS B 349 12.21 5.01 -18.66
C HIS B 349 13.08 6.14 -19.13
N PRO B 350 14.31 5.85 -19.64
CA PRO B 350 14.90 6.77 -20.63
C PRO B 350 14.10 6.90 -21.97
N GLY B 351 14.61 6.31 -23.05
CA GLY B 351 13.93 6.37 -24.35
C GLY B 351 13.02 5.18 -24.67
N GLN B 352 13.59 4.19 -25.36
CA GLN B 352 12.82 3.34 -26.25
C GLN B 352 13.21 1.87 -26.21
N ILE B 353 12.19 1.02 -26.27
CA ILE B 353 12.37 -0.36 -25.98
C ILE B 353 11.99 -1.12 -27.24
N SER B 354 12.74 -2.15 -27.60
CA SER B 354 12.39 -2.97 -28.76
C SER B 354 12.70 -4.42 -28.52
N ALA B 355 12.07 -5.29 -29.25
CA ALA B 355 12.47 -6.69 -29.22
C ALA B 355 14.00 -6.75 -28.96
N GLY B 356 14.40 -7.55 -27.97
CA GLY B 356 15.82 -7.62 -27.61
C GLY B 356 16.23 -6.95 -26.29
N TYR B 357 15.69 -5.78 -25.99
CA TYR B 357 15.84 -5.18 -24.64
C TYR B 357 15.91 -6.29 -23.54
N SER B 358 16.92 -6.20 -22.67
CA SER B 358 17.17 -7.23 -21.67
C SER B 358 17.48 -6.63 -20.32
N PRO B 359 16.48 -6.07 -19.65
CA PRO B 359 16.67 -5.66 -18.25
C PRO B 359 16.64 -6.88 -17.26
N VAL B 360 16.87 -6.61 -15.97
CA VAL B 360 16.72 -7.68 -15.02
C VAL B 360 15.30 -7.64 -14.54
N ILE B 361 14.76 -8.83 -14.29
CA ILE B 361 13.43 -9.00 -13.78
C ILE B 361 13.59 -9.46 -12.37
N ASP B 362 13.01 -8.71 -11.47
CA ASP B 362 12.90 -9.13 -10.11
C ASP B 362 11.53 -9.76 -9.98
N CYS B 363 11.50 -11.06 -9.67
CA CYS B 363 10.25 -11.81 -9.45
C CYS B 363 10.38 -12.80 -8.27
N HIS B 364 9.40 -12.80 -7.36
CA HIS B 364 9.61 -13.39 -6.02
C HIS B 364 11.00 -13.10 -5.52
N THR B 365 11.85 -14.12 -5.39
CA THR B 365 13.21 -13.90 -4.84
C THR B 365 14.29 -13.97 -5.89
N ALA B 366 13.90 -14.16 -7.14
CA ALA B 366 14.84 -14.16 -8.28
C ALA B 366 15.10 -12.79 -8.84
N HIS B 367 16.19 -12.72 -9.60
CA HIS B 367 16.78 -11.47 -10.08
C HIS B 367 17.54 -11.84 -11.31
N ILE B 368 16.87 -11.93 -12.44
CA ILE B 368 17.46 -12.47 -13.64
C ILE B 368 17.15 -11.59 -14.85
N ALA B 369 18.11 -11.48 -15.76
CA ALA B 369 17.93 -10.66 -16.93
C ALA B 369 17.09 -11.42 -17.94
N CYS B 370 16.07 -10.75 -18.47
CA CYS B 370 15.20 -11.36 -19.48
C CYS B 370 15.17 -10.53 -20.77
N LYS B 371 15.11 -11.23 -21.90
CA LYS B 371 14.94 -10.56 -23.17
C LYS B 371 13.46 -10.34 -23.41
N PHE B 372 13.07 -9.10 -23.75
CA PHE B 372 11.75 -8.83 -24.37
C PHE B 372 11.75 -9.33 -25.82
N ALA B 373 11.60 -10.64 -26.01
CA ALA B 373 11.66 -11.26 -27.36
C ALA B 373 10.71 -10.64 -28.39
N GLU B 374 9.40 -10.60 -28.10
CA GLU B 374 8.46 -9.92 -28.99
C GLU B 374 7.73 -8.88 -28.17
N LEU B 375 7.60 -7.66 -28.69
CA LEU B 375 6.59 -6.72 -28.18
C LEU B 375 5.28 -6.99 -28.90
N LYS B 376 4.29 -7.51 -28.19
CA LYS B 376 3.09 -8.03 -28.85
C LYS B 376 1.92 -7.08 -28.97
N GLU B 377 1.78 -6.11 -28.07
CA GLU B 377 0.65 -5.15 -28.11
C GLU B 377 1.10 -3.96 -27.37
N LYS B 378 0.61 -2.79 -27.78
CA LYS B 378 0.72 -1.57 -26.96
C LYS B 378 -0.69 -1.43 -26.42
N ILE B 379 -0.85 -0.85 -25.24
CA ILE B 379 -2.12 -0.85 -24.55
C ILE B 379 -2.20 0.50 -23.92
N ASP B 380 -3.38 1.12 -23.92
CA ASP B 380 -3.56 2.42 -23.32
C ASP B 380 -3.64 2.28 -21.81
N ARG B 381 -2.74 2.94 -21.11
CA ARG B 381 -2.72 2.84 -19.65
C ARG B 381 -3.92 3.41 -18.91
N ARG B 382 -4.60 4.39 -19.52
CA ARG B 382 -5.81 4.97 -18.89
C ARG B 382 -7.00 3.95 -18.87
N SER B 383 -7.04 3.06 -19.87
CA SER B 383 -8.28 2.43 -20.29
C SER B 383 -8.19 0.94 -20.60
N GLY B 384 -7.00 0.37 -20.66
CA GLY B 384 -6.84 -1.01 -21.06
C GLY B 384 -7.02 -1.24 -22.55
N LYS B 385 -7.50 -0.19 -23.25
CA LYS B 385 -7.71 -0.23 -24.71
C LYS B 385 -6.42 -0.61 -25.43
N LYS B 386 -6.49 -1.60 -26.31
CA LYS B 386 -5.36 -1.96 -27.18
C LYS B 386 -5.15 -0.91 -28.28
N LEU B 387 -3.90 -0.46 -28.48
CA LEU B 387 -3.65 0.57 -29.51
C LEU B 387 -2.74 0.11 -30.65
N GLU B 388 -2.46 -1.19 -30.78
CA GLU B 388 -1.54 -1.63 -31.82
C GLU B 388 -1.02 -3.04 -31.65
N ASP B 389 -1.15 -3.86 -32.68
CA ASP B 389 -0.43 -5.11 -32.74
C ASP B 389 1.01 -4.87 -33.10
N ASN B 390 1.80 -5.93 -32.96
CA ASN B 390 3.24 -5.87 -32.92
C ASN B 390 3.94 -4.49 -32.99
N PRO B 391 3.76 -3.63 -31.96
CA PRO B 391 4.37 -2.30 -32.02
C PRO B 391 5.93 -2.40 -32.13
N LYS B 392 6.55 -1.53 -32.88
CA LYS B 392 7.99 -1.69 -33.13
C LYS B 392 8.79 -1.33 -31.87
N SER B 393 8.23 -0.46 -31.05
CA SER B 393 8.91 0.07 -29.90
C SER B 393 7.88 0.52 -28.85
N LEU B 394 8.26 0.46 -27.56
CA LEU B 394 7.41 1.00 -26.45
C LEU B 394 8.11 2.11 -25.73
N LYS B 395 7.34 2.89 -24.98
CA LYS B 395 7.93 3.99 -24.25
C LYS B 395 7.16 4.37 -23.03
N SER B 396 7.77 5.22 -22.22
CA SER B 396 7.28 5.53 -20.89
C SER B 396 5.80 5.85 -21.06
N GLY B 397 4.99 5.59 -20.04
CA GLY B 397 3.52 5.65 -20.14
C GLY B 397 2.76 4.50 -20.86
N ASP B 398 3.41 3.70 -21.71
CA ASP B 398 2.70 2.62 -22.40
C ASP B 398 2.46 1.45 -21.50
N ALA B 399 1.27 0.88 -21.57
CA ALA B 399 1.14 -0.50 -21.16
C ALA B 399 1.35 -1.35 -22.39
N ALA B 400 1.61 -2.64 -22.20
CA ALA B 400 1.91 -3.48 -23.32
C ALA B 400 1.84 -4.96 -22.95
N ILE B 401 1.91 -5.81 -23.96
CA ILE B 401 2.00 -7.20 -23.74
C ILE B 401 3.27 -7.70 -24.43
N VAL B 402 4.20 -8.26 -23.66
CA VAL B 402 5.50 -8.61 -24.18
C VAL B 402 5.81 -10.08 -23.93
N GLU B 403 6.53 -10.69 -24.86
CA GLU B 403 7.04 -12.05 -24.65
C GLU B 403 8.46 -12.01 -24.12
N MET B 404 8.78 -12.89 -23.19
CA MET B 404 10.01 -12.76 -22.44
C MET B 404 10.76 -14.04 -22.27
N VAL B 405 12.05 -13.97 -22.44
CA VAL B 405 12.90 -15.15 -22.41
C VAL B 405 14.01 -14.92 -21.39
N PRO B 406 13.98 -15.69 -20.28
CA PRO B 406 14.97 -15.56 -19.20
C PRO B 406 16.39 -15.86 -19.71
N GLY B 407 17.34 -14.98 -19.35
CA GLY B 407 18.75 -15.10 -19.76
C GLY B 407 19.48 -16.28 -19.12
N LYS B 408 19.39 -16.39 -17.79
CA LYS B 408 19.75 -17.64 -17.12
C LYS B 408 18.47 -18.43 -16.85
N PRO B 409 18.62 -19.68 -16.43
CA PRO B 409 17.49 -20.51 -15.99
C PRO B 409 16.68 -19.84 -14.88
N MET B 410 15.35 -19.85 -14.99
CA MET B 410 14.47 -19.13 -14.07
C MET B 410 13.19 -19.94 -13.88
N CYS B 411 12.59 -19.81 -12.70
CA CYS B 411 11.29 -20.34 -12.47
C CYS B 411 10.28 -19.22 -12.09
N VAL B 412 9.25 -19.06 -12.93
CA VAL B 412 8.14 -18.17 -12.61
C VAL B 412 6.83 -18.85 -12.88
N GLU B 413 5.75 -18.26 -12.43
CA GLU B 413 4.43 -18.85 -12.60
C GLU B 413 3.50 -17.73 -13.07
N SER B 414 2.44 -18.11 -13.74
CA SER B 414 1.44 -17.15 -14.12
C SER B 414 0.80 -16.55 -12.86
N PHE B 415 0.41 -15.30 -12.97
CA PHE B 415 -0.10 -14.58 -11.86
C PHE B 415 -1.44 -15.15 -11.33
N SER B 416 -2.22 -15.80 -12.21
CA SER B 416 -3.52 -16.34 -11.77
C SER B 416 -3.39 -17.62 -10.99
N GLN B 417 -2.53 -18.54 -11.46
CA GLN B 417 -2.16 -19.73 -10.65
C GLN B 417 -1.44 -19.40 -9.33
N TYR B 418 -0.35 -18.62 -9.38
CA TYR B 418 0.48 -18.38 -8.19
C TYR B 418 0.89 -16.91 -8.09
N PRO B 419 0.02 -16.10 -7.49
CA PRO B 419 0.21 -14.64 -7.61
C PRO B 419 1.59 -14.15 -7.22
N PRO B 420 2.09 -14.60 -6.06
CA PRO B 420 3.36 -14.03 -5.56
C PRO B 420 4.54 -14.41 -6.44
N LEU B 421 4.38 -15.42 -7.30
CA LEU B 421 5.40 -15.77 -8.27
C LEU B 421 5.07 -15.28 -9.69
N GLY B 422 4.03 -14.47 -9.84
CA GLY B 422 3.61 -14.01 -11.15
C GLY B 422 3.66 -12.49 -11.36
N ARG B 423 4.14 -11.77 -10.37
CA ARG B 423 4.28 -10.33 -10.48
C ARG B 423 5.76 -10.01 -10.40
N PHE B 424 6.22 -9.08 -11.25
CA PHE B 424 7.64 -8.72 -11.28
C PHE B 424 7.88 -7.22 -11.48
N ALA B 425 9.09 -6.78 -11.17
CA ALA B 425 9.52 -5.41 -11.53
C ALA B 425 10.62 -5.53 -12.52
N VAL B 426 10.73 -4.56 -13.43
CA VAL B 426 11.79 -4.58 -14.44
C VAL B 426 12.77 -3.51 -14.09
N ARG B 427 14.04 -3.83 -14.15
CA ARG B 427 15.06 -2.94 -13.58
C ARG B 427 16.25 -2.67 -14.52
N ASP B 428 16.69 -1.43 -14.54
CA ASP B 428 17.91 -1.04 -15.26
C ASP B 428 18.80 -0.24 -14.31
N MET B 429 19.89 -0.84 -13.83
CA MET B 429 20.65 -0.24 -12.71
C MET B 429 19.72 0.03 -11.50
N ARG B 430 19.73 1.25 -10.98
CA ARG B 430 18.83 1.58 -9.86
C ARG B 430 17.44 2.05 -10.35
N GLN B 431 17.22 1.84 -11.64
CA GLN B 431 16.01 2.30 -12.28
C GLN B 431 14.92 1.23 -12.26
N THR B 432 13.80 1.53 -11.62
CA THR B 432 12.62 0.73 -11.84
C THR B 432 11.92 1.21 -13.12
N VAL B 433 12.11 0.49 -14.23
CA VAL B 433 11.58 0.93 -15.50
C VAL B 433 10.16 0.43 -15.79
N ALA B 434 9.81 -0.74 -15.27
CA ALA B 434 8.49 -1.34 -15.51
C ALA B 434 8.05 -2.24 -14.37
N VAL B 435 6.74 -2.44 -14.27
CA VAL B 435 6.15 -3.44 -13.40
C VAL B 435 5.20 -4.28 -14.24
N GLY B 436 5.14 -5.59 -13.97
CA GLY B 436 4.29 -6.49 -14.80
C GLY B 436 3.71 -7.71 -14.07
N VAL B 437 2.80 -8.43 -14.76
CA VAL B 437 2.26 -9.71 -14.26
C VAL B 437 2.36 -10.67 -15.41
N ILE B 438 2.36 -11.96 -15.11
CA ILE B 438 2.71 -12.99 -16.08
C ILE B 438 1.41 -13.66 -16.54
N LYS B 439 1.16 -13.63 -17.85
CA LYS B 439 0.01 -14.35 -18.41
C LYS B 439 0.26 -15.86 -18.42
N ASN B 440 0.88 -16.40 -19.47
CA ASN B 440 1.22 -17.81 -19.53
C ASN B 440 2.72 -18.00 -19.34
N VAL B 441 3.12 -19.24 -19.06
CA VAL B 441 4.51 -19.60 -19.19
C VAL B 441 4.70 -20.94 -19.93
N GLU B 442 5.54 -20.91 -20.96
CA GLU B 442 6.07 -22.11 -21.59
C GLU B 442 7.08 -22.84 -20.69
N LYS B 443 6.63 -23.93 -20.06
CA LYS B 443 7.51 -24.80 -19.28
C LYS B 443 8.54 -25.51 -20.16
N LYS B 444 9.70 -25.84 -19.56
CA LYS B 444 10.73 -26.59 -20.24
C LYS B 444 10.40 -28.04 -20.05
N SER B 445 10.28 -28.76 -21.18
CA SER B 445 10.42 -30.23 -21.28
C SER B 445 10.15 -31.04 -19.99
#